data_7CBG
#
_entry.id   7CBG
#
_cell.length_a   86.793
_cell.length_b   101.796
_cell.length_c   105.633
_cell.angle_alpha   90.00
_cell.angle_beta   90.00
_cell.angle_gamma   90.00
#
_symmetry.space_group_name_H-M   'P 21 21 21'
#
loop_
_entity.id
_entity.type
_entity.pdbx_description
1 polymer 'Threonine--tRNA ligase'
2 non-polymer (2S,3R)-N-[(E)-4-[6,7-bis(chloranyl)-4-oxidanylidene-quinazolin-3-yl]but-2-enyl]-2-(methylamino)-3-oxidanyl-butanamide
3 non-polymer 'ZINC ION'
4 water water
#
_entity_poly.entity_id   1
_entity_poly.type   'polypeptide(L)'
_entity_poly.pdbx_seq_one_letter_code
;MGRDHRKIGKQLDLYHMQEEAPGMVFWHNDGWTIFRELEVFVRSKLKEYQYQEVKGPFMMDRVLWEKTGHWDNYKDAMFT
TSSENREYCIKPMNCPGHVQIFNQGLKSYRDLPLRMAEFGSCHRNEPSGALHGLMRVRGFTQDDAHIFCTEEQIRDEVNA
CIRMVYDMYSTFGFEKIVVKLSTRPDKRIGSDEMWDRAEADLAVALEENNIPFEYQLGEGAFYGPKIEFTLYDCLDRAWQ
CGTVQLDFSLPSRLSASYVGEDNERKVPVMIHRAILGSMERFIGILTEEFAGFFPTWLAPVQVVVMNITDSQSEYVNELT
QKLQNAGIRVKADLRNEKIGFKIREHTLRRVPYMLVCGDKEVEAGKVAVRTRRGKDLGSLDVNDVIEKLQQEIRSRSLQQ
LEELEHHHHHH
;
_entity_poly.pdbx_strand_id   A,B
#
# COMPACT_ATOMS: atom_id res chain seq x y z
N GLY A 2 25.40 -17.82 -1.63
CA GLY A 2 25.20 -17.34 -0.24
C GLY A 2 23.74 -17.24 0.16
N ARG A 3 23.49 -17.21 1.47
CA ARG A 3 22.14 -17.10 2.04
C ARG A 3 22.09 -16.05 3.16
N ASP A 4 22.79 -14.94 2.96
CA ASP A 4 22.77 -13.81 3.88
C ASP A 4 21.89 -12.74 3.23
N HIS A 5 20.77 -12.41 3.87
CA HIS A 5 19.82 -11.43 3.33
C HIS A 5 20.37 -10.00 3.31
N ARG A 6 21.25 -9.69 4.25
CA ARG A 6 21.93 -8.39 4.30
C ARG A 6 22.91 -8.22 3.14
N LYS A 7 23.63 -9.29 2.82
CA LYS A 7 24.51 -9.34 1.65
C LYS A 7 23.68 -9.25 0.36
N ILE A 8 22.72 -10.17 0.23
CA ILE A 8 21.87 -10.26 -0.97
C ILE A 8 21.07 -8.98 -1.21
N GLY A 9 20.57 -8.37 -0.13
CA GLY A 9 19.84 -7.10 -0.20
C GLY A 9 20.64 -5.98 -0.83
N LYS A 10 21.93 -5.92 -0.55
CA LYS A 10 22.84 -4.96 -1.17
C LYS A 10 23.16 -5.32 -2.63
N GLN A 11 23.37 -6.61 -2.90
CA GLN A 11 23.73 -7.10 -4.25
C GLN A 11 22.62 -6.88 -5.29
N LEU A 12 21.37 -7.22 -4.91
CA LEU A 12 20.20 -7.04 -5.77
C LEU A 12 19.52 -5.67 -5.60
N ASP A 13 20.05 -4.83 -4.71
CA ASP A 13 19.59 -3.44 -4.51
C ASP A 13 18.11 -3.42 -4.06
N LEU A 14 17.83 -4.22 -3.03
CA LEU A 14 16.48 -4.35 -2.48
C LEU A 14 16.23 -3.28 -1.43
N TYR A 15 17.16 -3.17 -0.48
CA TYR A 15 17.03 -2.23 0.62
C TYR A 15 18.40 -1.83 1.18
N HIS A 16 18.37 -0.92 2.15
CA HIS A 16 19.53 -0.65 3.00
C HIS A 16 19.06 -0.12 4.36
N MET A 17 19.98 -0.09 5.31
CA MET A 17 19.73 0.46 6.65
C MET A 17 20.88 1.36 7.09
N GLN A 18 20.55 2.37 7.89
CA GLN A 18 21.49 3.40 8.34
C GLN A 18 21.43 3.59 9.85
N GLU A 19 22.48 4.17 10.41
CA GLU A 19 22.53 4.51 11.84
C GLU A 19 21.68 5.73 12.21
N GLU A 20 21.30 6.53 11.22
CA GLU A 20 20.38 7.67 11.42
C GLU A 20 18.95 7.20 11.72
N ALA A 21 18.58 6.00 11.25
CA ALA A 21 17.27 5.41 11.50
C ALA A 21 17.44 3.94 11.88
N PRO A 22 17.96 3.67 13.09
CA PRO A 22 18.30 2.30 13.48
C PRO A 22 17.09 1.36 13.53
N GLY A 23 17.21 0.20 12.89
CA GLY A 23 16.14 -0.78 12.84
C GLY A 23 14.95 -0.36 11.98
N MET A 24 15.16 0.49 11.00
CA MET A 24 14.09 0.99 10.13
C MET A 24 14.54 0.99 8.68
N VAL A 25 13.81 0.28 7.83
CA VAL A 25 14.27 -0.11 6.50
C VAL A 25 14.05 1.00 5.47
N PHE A 26 15.03 1.20 4.60
CA PHE A 26 14.89 2.00 3.39
C PHE A 26 14.67 1.04 2.22
N TRP A 27 13.42 0.90 1.78
CA TRP A 27 13.08 0.01 0.66
C TRP A 27 13.38 0.68 -0.68
N HIS A 28 14.32 0.10 -1.43
CA HIS A 28 14.61 0.56 -2.79
C HIS A 28 13.56 0.00 -3.75
N ASN A 29 13.59 0.46 -4.99
CA ASN A 29 12.62 0.08 -6.04
C ASN A 29 12.33 -1.43 -6.08
N ASP A 30 13.38 -2.22 -6.21
CA ASP A 30 13.26 -3.67 -6.36
C ASP A 30 12.81 -4.40 -5.10
N GLY A 31 13.25 -3.92 -3.93
CA GLY A 31 12.79 -4.48 -2.65
C GLY A 31 11.36 -4.11 -2.34
N TRP A 32 10.97 -2.87 -2.66
CA TRP A 32 9.59 -2.41 -2.47
C TRP A 32 8.63 -3.11 -3.44
N THR A 33 9.11 -3.46 -4.63
CA THR A 33 8.34 -4.29 -5.57
C THR A 33 8.02 -5.67 -4.97
N ILE A 34 8.99 -6.29 -4.29
CA ILE A 34 8.79 -7.56 -3.59
C ILE A 34 7.76 -7.38 -2.47
N PHE A 35 7.94 -6.32 -1.67
CA PHE A 35 7.03 -5.95 -0.58
C PHE A 35 5.58 -5.85 -1.07
N ARG A 36 5.38 -5.14 -2.18
CA ARG A 36 4.04 -4.88 -2.69
C ARG A 36 3.35 -6.12 -3.27
N GLU A 37 4.10 -7.03 -3.88
CA GLU A 37 3.54 -8.31 -4.36
C GLU A 37 3.16 -9.23 -3.20
N LEU A 38 4.00 -9.26 -2.16
CA LEU A 38 3.66 -9.92 -0.90
C LEU A 38 2.37 -9.34 -0.30
N GLU A 39 2.25 -8.01 -0.36
CA GLU A 39 1.06 -7.30 0.10
C GLU A 39 -0.18 -7.68 -0.72
N VAL A 40 -0.03 -7.73 -2.05
CA VAL A 40 -1.09 -8.18 -2.97
C VAL A 40 -1.51 -9.63 -2.66
N PHE A 41 -0.54 -10.50 -2.38
CA PHE A 41 -0.82 -11.90 -2.04
C PHE A 41 -1.66 -12.02 -0.77
N VAL A 42 -1.23 -11.33 0.29
CA VAL A 42 -1.97 -11.30 1.56
C VAL A 42 -3.39 -10.76 1.34
N ARG A 43 -3.50 -9.72 0.53
CA ARG A 43 -4.80 -9.11 0.17
C ARG A 43 -5.78 -10.11 -0.45
N SER A 44 -5.29 -10.97 -1.33
CA SER A 44 -6.12 -12.01 -1.96
C SER A 44 -6.61 -13.06 -0.95
N LYS A 45 -5.81 -13.31 0.09
CA LYS A 45 -6.22 -14.18 1.20
C LYS A 45 -7.24 -13.48 2.09
N LEU A 46 -7.04 -12.19 2.35
CA LEU A 46 -8.02 -11.38 3.11
C LEU A 46 -9.40 -11.37 2.44
N LYS A 47 -9.40 -11.26 1.11
CA LYS A 47 -10.63 -11.35 0.33
C LYS A 47 -11.25 -12.75 0.42
N GLU A 48 -10.41 -13.79 0.26
CA GLU A 48 -10.86 -15.19 0.28
C GLU A 48 -11.47 -15.60 1.62
N TYR A 49 -10.78 -15.25 2.71
CA TYR A 49 -11.23 -15.58 4.08
C TYR A 49 -12.19 -14.52 4.69
N GLN A 50 -12.64 -13.57 3.87
CA GLN A 50 -13.68 -12.58 4.24
C GLN A 50 -13.26 -11.64 5.36
N TYR A 51 -12.17 -10.92 5.10
CA TYR A 51 -11.66 -9.87 5.99
C TYR A 51 -11.96 -8.50 5.38
N GLN A 52 -12.28 -7.54 6.25
CA GLN A 52 -12.20 -6.13 5.89
C GLN A 52 -10.74 -5.70 6.01
N GLU A 53 -10.34 -4.71 5.22
CA GLU A 53 -9.04 -4.07 5.38
C GLU A 53 -9.23 -2.60 5.73
N VAL A 54 -8.62 -2.17 6.84
CA VAL A 54 -8.72 -0.80 7.34
C VAL A 54 -7.33 -0.19 7.45
N LYS A 55 -7.29 1.11 7.74
CA LYS A 55 -6.05 1.81 8.05
C LYS A 55 -6.27 2.73 9.24
N GLY A 56 -5.52 2.49 10.31
CA GLY A 56 -5.61 3.28 11.53
C GLY A 56 -4.53 4.35 11.56
N PRO A 57 -4.68 5.37 12.43
CA PRO A 57 -3.69 6.43 12.52
C PRO A 57 -2.40 5.99 13.19
N PHE A 58 -1.30 6.70 12.91
CA PHE A 58 0.03 6.33 13.42
C PHE A 58 0.22 6.58 14.92
N MET A 59 -0.47 7.58 15.46
CA MET A 59 -0.40 7.85 16.90
C MET A 59 -1.78 8.12 17.49
N MET A 60 -1.84 7.96 18.81
CA MET A 60 -3.08 8.06 19.57
C MET A 60 -2.71 8.47 21.00
N ASP A 61 -3.61 9.18 21.67
CA ASP A 61 -3.35 9.76 23.00
C ASP A 61 -2.92 8.69 24.01
N ARG A 62 -1.94 9.03 24.84
CA ARG A 62 -1.47 8.18 25.94
C ARG A 62 -2.63 7.75 26.86
N VAL A 63 -3.57 8.66 27.10
CA VAL A 63 -4.75 8.43 27.93
C VAL A 63 -5.54 7.19 27.46
N LEU A 64 -5.70 7.04 26.15
CA LEU A 64 -6.35 5.85 25.57
C LEU A 64 -5.48 4.60 25.73
N TRP A 65 -4.19 4.74 25.48
CA TRP A 65 -3.23 3.63 25.64
C TRP A 65 -3.08 3.13 27.09
N GLU A 66 -3.26 4.02 28.06
CA GLU A 66 -3.26 3.62 29.48
C GLU A 66 -4.44 2.73 29.85
N LYS A 67 -5.58 2.92 29.19
CA LYS A 67 -6.77 2.09 29.41
C LYS A 67 -6.67 0.66 28.85
N THR A 68 -5.76 0.41 27.91
CA THR A 68 -5.63 -0.92 27.28
C THR A 68 -5.19 -2.02 28.24
N GLY A 69 -4.44 -1.66 29.28
CA GLY A 69 -3.87 -2.63 30.22
C GLY A 69 -2.53 -3.22 29.80
N HIS A 70 -1.99 -2.73 28.68
CA HIS A 70 -0.64 -3.11 28.23
C HIS A 70 0.41 -2.10 28.69
N TRP A 71 -0.03 -0.94 29.19
CA TRP A 71 0.86 0.20 29.45
C TRP A 71 2.00 -0.11 30.42
N ASP A 72 1.65 -0.58 31.61
CA ASP A 72 2.64 -0.81 32.67
C ASP A 72 3.68 -1.87 32.30
N ASN A 73 3.26 -2.87 31.52
CA ASN A 73 4.16 -3.93 31.04
C ASN A 73 5.07 -3.45 29.90
N TYR A 74 4.55 -2.60 29.02
CA TYR A 74 5.22 -2.24 27.75
C TYR A 74 5.57 -0.75 27.53
N LYS A 75 5.36 0.11 28.53
CA LYS A 75 5.69 1.55 28.40
C LYS A 75 7.15 1.86 28.03
N ASP A 76 8.07 0.98 28.43
CA ASP A 76 9.48 1.08 28.04
C ASP A 76 9.70 0.93 26.54
N ALA A 77 8.88 0.08 25.90
CA ALA A 77 8.92 -0.15 24.45
C ALA A 77 8.12 0.86 23.61
N MET A 78 7.48 1.85 24.26
CA MET A 78 6.70 2.87 23.55
C MET A 78 7.56 4.02 23.05
N PHE A 79 7.37 4.40 21.79
CA PHE A 79 7.84 5.69 21.28
C PHE A 79 6.79 6.73 21.63
N THR A 80 7.24 7.88 22.11
CA THR A 80 6.38 8.91 22.68
C THR A 80 6.68 10.27 22.03
N THR A 81 5.61 11.01 21.70
CA THR A 81 5.74 12.37 21.15
C THR A 81 4.60 13.25 21.67
N SER A 82 4.90 14.55 21.85
CA SER A 82 3.97 15.49 22.47
C SER A 82 3.52 16.61 21.53
N SER A 83 2.36 17.18 21.84
CA SER A 83 1.79 18.29 21.08
C SER A 83 0.66 18.95 21.86
N GLU A 84 0.83 20.24 22.16
CA GLU A 84 -0.19 21.06 22.86
C GLU A 84 -0.61 20.47 24.21
N ASN A 85 0.39 20.19 25.05
CA ASN A 85 0.20 19.66 26.41
C ASN A 85 -0.42 18.26 26.47
N ARG A 86 -0.33 17.51 25.36
CA ARG A 86 -0.90 16.16 25.26
C ARG A 86 0.16 15.20 24.74
N GLU A 87 0.24 14.03 25.37
CA GLU A 87 1.23 13.01 25.03
C GLU A 87 0.60 11.94 24.14
N TYR A 88 1.28 11.59 23.05
CA TYR A 88 0.81 10.57 22.11
C TYR A 88 1.85 9.46 21.99
N CYS A 89 1.36 8.22 21.90
CA CYS A 89 2.21 7.07 21.61
C CYS A 89 2.20 6.81 20.11
N ILE A 90 3.38 6.57 19.53
CA ILE A 90 3.46 6.04 18.16
C ILE A 90 3.03 4.59 18.30
N LYS A 91 2.07 4.14 17.50
CA LYS A 91 1.43 2.85 17.76
C LYS A 91 2.40 1.65 17.64
N PRO A 92 2.51 0.84 18.72
CA PRO A 92 3.24 -0.43 18.67
C PRO A 92 2.39 -1.61 18.21
N MET A 93 1.06 -1.45 18.21
CA MET A 93 0.12 -2.48 17.81
C MET A 93 -1.16 -1.84 17.27
N ASN A 94 -1.95 -2.62 16.54
CA ASN A 94 -3.10 -2.11 15.79
C ASN A 94 -4.46 -2.41 16.44
N CYS A 95 -4.47 -3.12 17.56
CA CYS A 95 -5.72 -3.61 18.17
C CYS A 95 -6.61 -2.48 18.68
N PRO A 96 -6.05 -1.54 19.49
CA PRO A 96 -6.89 -0.44 19.98
C PRO A 96 -7.54 0.41 18.89
N GLY A 97 -6.79 0.69 17.82
CA GLY A 97 -7.32 1.40 16.66
C GLY A 97 -8.45 0.66 15.95
N HIS A 98 -8.33 -0.67 15.87
CA HIS A 98 -9.39 -1.53 15.32
C HIS A 98 -10.65 -1.50 16.19
N VAL A 99 -10.47 -1.41 17.50
CA VAL A 99 -11.59 -1.27 18.43
C VAL A 99 -12.28 0.09 18.23
N GLN A 100 -11.51 1.15 18.00
CA GLN A 100 -12.07 2.48 17.72
C GLN A 100 -12.96 2.47 16.47
N ILE A 101 -12.53 1.74 15.43
CA ILE A 101 -13.33 1.57 14.20
C ILE A 101 -14.58 0.73 14.48
N PHE A 102 -14.42 -0.35 15.25
CA PHE A 102 -15.54 -1.19 15.68
C PHE A 102 -16.58 -0.39 16.47
N ASN A 103 -16.12 0.50 17.34
CA ASN A 103 -17.02 1.32 18.18
C ASN A 103 -17.83 2.37 17.41
N GLN A 104 -17.44 2.70 16.18
CA GLN A 104 -18.25 3.57 15.32
C GLN A 104 -19.47 2.82 14.80
N GLY A 105 -20.66 3.35 15.11
CA GLY A 105 -21.93 2.71 14.73
C GLY A 105 -22.31 1.61 15.70
N LEU A 106 -23.62 1.40 15.85
CA LEU A 106 -24.14 0.34 16.70
C LEU A 106 -23.94 -1.00 16.01
N LYS A 107 -23.33 -1.95 16.73
CA LYS A 107 -23.05 -3.29 16.20
C LYS A 107 -24.06 -4.31 16.71
N SER A 108 -24.39 -5.27 15.85
CA SER A 108 -25.32 -6.35 16.19
C SER A 108 -24.58 -7.69 16.18
N TYR A 109 -25.26 -8.72 16.68
CA TYR A 109 -24.78 -10.11 16.57
C TYR A 109 -24.65 -10.55 15.11
N ARG A 110 -25.52 -10.00 14.24
CA ARG A 110 -25.49 -10.26 12.80
C ARG A 110 -24.19 -9.78 12.11
N ASP A 111 -23.57 -8.74 12.65
CA ASP A 111 -22.28 -8.24 12.15
C ASP A 111 -21.09 -9.14 12.50
N LEU A 112 -21.27 -10.05 13.46
CA LEU A 112 -20.21 -10.97 13.90
C LEU A 112 -20.31 -12.32 13.16
N PRO A 113 -19.19 -12.99 12.86
CA PRO A 113 -17.84 -12.52 13.18
C PRO A 113 -17.37 -11.40 12.24
N LEU A 114 -16.85 -10.32 12.83
CA LEU A 114 -16.32 -9.18 12.09
C LEU A 114 -14.80 -9.30 12.07
N ARG A 115 -14.25 -9.55 10.88
CA ARG A 115 -12.82 -9.77 10.71
C ARG A 115 -12.18 -8.54 10.07
N MET A 116 -11.31 -7.87 10.82
CA MET A 116 -10.76 -6.56 10.44
C MET A 116 -9.24 -6.62 10.33
N ALA A 117 -8.74 -6.70 9.10
CA ALA A 117 -7.30 -6.77 8.83
C ALA A 117 -6.66 -5.40 8.59
N GLU A 118 -5.34 -5.37 8.67
CA GLU A 118 -4.55 -4.16 8.40
C GLU A 118 -3.08 -4.50 8.19
N PHE A 119 -2.46 -3.85 7.22
CA PHE A 119 -1.01 -3.84 7.09
C PHE A 119 -0.47 -2.73 7.99
N GLY A 120 -0.39 -3.04 9.28
CA GLY A 120 -0.19 -2.05 10.32
C GLY A 120 1.26 -1.70 10.59
N SER A 121 1.62 -0.46 10.27
CA SER A 121 2.97 0.05 10.53
C SER A 121 3.17 0.26 12.03
N CYS A 122 3.88 -0.68 12.66
CA CYS A 122 4.11 -0.67 14.11
C CYS A 122 5.53 -0.23 14.44
N HIS A 123 5.68 0.43 15.58
CA HIS A 123 6.97 0.88 16.08
C HIS A 123 7.17 0.46 17.54
N ARG A 124 8.18 -0.38 17.76
CA ARG A 124 8.57 -0.84 19.09
C ARG A 124 9.96 -0.29 19.41
N ASN A 125 10.08 0.42 20.53
CA ASN A 125 11.37 0.97 20.97
C ASN A 125 12.24 -0.13 21.57
N GLU A 126 12.88 -0.91 20.69
CA GLU A 126 13.75 -2.01 21.07
C GLU A 126 15.19 -1.48 21.23
N PRO A 127 16.04 -2.17 22.02
CA PRO A 127 17.46 -1.80 22.10
C PRO A 127 18.20 -1.89 20.75
N SER A 128 19.10 -0.95 20.51
CA SER A 128 19.84 -0.87 19.24
C SER A 128 20.88 -1.97 19.10
N GLY A 129 21.46 -2.42 20.21
CA GLY A 129 22.38 -3.55 20.24
C GLY A 129 21.77 -4.88 19.83
N ALA A 130 20.45 -5.03 20.05
CA ALA A 130 19.71 -6.23 19.66
C ALA A 130 19.17 -6.20 18.21
N LEU A 131 19.39 -5.11 17.48
CA LEU A 131 18.94 -5.00 16.08
C LEU A 131 19.89 -5.75 15.14
N HIS A 132 19.32 -6.32 14.08
CA HIS A 132 20.07 -7.08 13.08
C HIS A 132 19.27 -7.25 11.79
N GLY A 133 19.52 -6.37 10.82
CA GLY A 133 18.92 -6.44 9.49
C GLY A 133 17.40 -6.34 9.48
N LEU A 134 16.78 -7.03 8.53
CA LEU A 134 15.32 -7.10 8.42
C LEU A 134 14.64 -7.93 9.51
N MET A 135 15.36 -8.87 10.13
CA MET A 135 14.75 -9.79 11.10
C MET A 135 14.39 -9.12 12.43
N ARG A 136 15.33 -8.37 13.00
CA ARG A 136 15.09 -7.61 14.23
C ARG A 136 15.13 -6.12 13.93
N VAL A 137 13.95 -5.49 14.03
CA VAL A 137 13.73 -4.11 13.59
C VAL A 137 12.91 -3.34 14.62
N ARG A 138 12.87 -2.02 14.46
CA ARG A 138 12.04 -1.13 15.28
C ARG A 138 10.74 -0.84 14.54
N GLY A 139 10.86 -0.33 13.33
CA GLY A 139 9.71 -0.05 12.46
C GLY A 139 9.41 -1.26 11.59
N PHE A 140 8.17 -1.73 11.60
CA PHE A 140 7.75 -2.86 10.76
C PHE A 140 6.26 -2.82 10.45
N THR A 141 5.87 -3.62 9.47
CA THR A 141 4.50 -3.69 8.99
C THR A 141 3.98 -5.08 9.33
N GLN A 142 2.99 -5.14 10.21
CA GLN A 142 2.40 -6.38 10.67
C GLN A 142 1.23 -6.74 9.76
N ASP A 143 1.21 -7.97 9.24
CA ASP A 143 0.02 -8.48 8.53
C ASP A 143 -1.04 -8.85 9.58
N ASP A 144 -1.62 -7.82 10.18
CA ASP A 144 -2.43 -7.94 11.37
C ASP A 144 -3.89 -8.10 11.01
N ALA A 145 -4.64 -8.75 11.91
CA ALA A 145 -6.09 -8.75 11.87
C ALA A 145 -6.65 -9.05 13.25
N HIS A 146 -7.84 -8.53 13.51
CA HIS A 146 -8.56 -8.76 14.75
C HIS A 146 -9.99 -9.16 14.44
N ILE A 147 -10.37 -10.34 14.94
CA ILE A 147 -11.69 -10.90 14.72
C ILE A 147 -12.53 -10.61 15.96
N PHE A 148 -13.62 -9.88 15.78
CA PHE A 148 -14.60 -9.63 16.82
C PHE A 148 -15.70 -10.67 16.66
N CYS A 149 -15.93 -11.49 17.68
CA CYS A 149 -16.92 -12.59 17.59
C CYS A 149 -17.49 -12.94 18.96
N THR A 150 -18.52 -13.80 18.94
CA THR A 150 -19.15 -14.30 20.17
C THR A 150 -18.31 -15.44 20.75
N GLU A 151 -18.64 -15.86 21.96
CA GLU A 151 -17.96 -17.00 22.61
C GLU A 151 -18.15 -18.29 21.81
N GLU A 152 -19.35 -18.47 21.26
CA GLU A 152 -19.72 -19.68 20.53
C GLU A 152 -19.04 -19.78 19.15
N GLN A 153 -18.62 -18.64 18.60
CA GLN A 153 -17.98 -18.57 17.29
C GLN A 153 -16.44 -18.76 17.31
N ILE A 154 -15.84 -18.85 18.50
CA ILE A 154 -14.38 -18.87 18.65
C ILE A 154 -13.72 -20.04 17.93
N ARG A 155 -14.27 -21.25 18.10
CA ARG A 155 -13.68 -22.46 17.51
C ARG A 155 -13.58 -22.41 15.99
N ASP A 156 -14.64 -21.97 15.34
CA ASP A 156 -14.68 -21.85 13.87
C ASP A 156 -13.72 -20.78 13.34
N GLU A 157 -13.56 -19.68 14.07
CA GLU A 157 -12.65 -18.60 13.67
C GLU A 157 -11.17 -18.95 13.87
N VAL A 158 -10.85 -19.65 14.96
CA VAL A 158 -9.50 -20.18 15.17
C VAL A 158 -9.20 -21.25 14.12
N ASN A 159 -10.19 -22.09 13.82
CA ASN A 159 -10.09 -23.08 12.73
C ASN A 159 -9.75 -22.43 11.39
N ALA A 160 -10.42 -21.31 11.09
CA ALA A 160 -10.17 -20.56 9.86
C ALA A 160 -8.77 -19.94 9.85
N CYS A 161 -8.39 -19.31 10.98
CA CYS A 161 -7.03 -18.76 11.15
C CYS A 161 -5.95 -19.81 10.92
N ILE A 162 -6.12 -20.98 11.53
CA ILE A 162 -5.19 -22.11 11.37
C ILE A 162 -5.03 -22.49 9.90
N ARG A 163 -6.16 -22.65 9.20
CA ARG A 163 -6.15 -22.96 7.77
C ARG A 163 -5.44 -21.89 6.93
N MET A 164 -5.70 -20.63 7.27
CA MET A 164 -5.06 -19.49 6.59
C MET A 164 -3.54 -19.47 6.79
N VAL A 165 -3.07 -19.90 7.97
CA VAL A 165 -1.65 -19.96 8.29
C VAL A 165 -0.91 -20.99 7.43
N TYR A 166 -1.41 -22.23 7.41
CA TYR A 166 -0.83 -23.32 6.62
C TYR A 166 -0.94 -23.08 5.11
N ASP A 167 -2.05 -22.49 4.69
CA ASP A 167 -2.30 -22.09 3.30
C ASP A 167 -1.22 -21.11 2.82
N MET A 168 -1.00 -20.05 3.60
CA MET A 168 -0.03 -19.02 3.25
C MET A 168 1.43 -19.50 3.34
N TYR A 169 1.75 -20.31 4.34
CA TYR A 169 3.10 -20.90 4.46
C TYR A 169 3.42 -21.87 3.31
N SER A 170 2.43 -22.66 2.88
CA SER A 170 2.61 -23.60 1.76
C SER A 170 2.88 -22.92 0.41
N THR A 171 2.45 -21.67 0.25
CA THR A 171 2.76 -20.88 -0.95
C THR A 171 4.27 -20.64 -1.11
N PHE A 172 4.95 -20.37 0.00
CA PHE A 172 6.40 -20.10 0.00
C PHE A 172 7.29 -21.35 0.16
N GLY A 173 6.67 -22.52 0.22
CA GLY A 173 7.40 -23.80 0.32
C GLY A 173 7.74 -24.22 1.74
N PHE A 174 6.95 -23.76 2.71
CA PHE A 174 7.14 -24.10 4.13
C PHE A 174 6.06 -25.08 4.60
N GLU A 175 6.40 -26.37 4.61
CA GLU A 175 5.50 -27.44 5.06
C GLU A 175 5.73 -27.87 6.52
N LYS A 176 6.98 -27.76 7.00
CA LYS A 176 7.32 -28.19 8.36
C LYS A 176 7.02 -27.09 9.39
N ILE A 177 5.86 -27.22 10.05
CA ILE A 177 5.38 -26.25 11.05
C ILE A 177 5.33 -26.89 12.43
N VAL A 178 5.97 -26.25 13.41
CA VAL A 178 5.81 -26.63 14.83
C VAL A 178 4.79 -25.67 15.44
N VAL A 179 3.83 -26.24 16.18
CA VAL A 179 2.74 -25.47 16.78
C VAL A 179 2.82 -25.59 18.30
N LYS A 180 2.65 -24.46 18.98
CA LYS A 180 2.74 -24.39 20.45
C LYS A 180 1.55 -23.64 21.04
N LEU A 181 0.85 -24.29 21.97
CA LEU A 181 -0.32 -23.72 22.65
C LEU A 181 0.09 -23.28 24.06
N SER A 182 0.10 -21.96 24.30
CA SER A 182 0.49 -21.42 25.60
C SER A 182 -0.71 -21.36 26.56
N THR A 183 -0.55 -21.98 27.73
CA THR A 183 -1.64 -22.12 28.71
C THR A 183 -1.61 -20.99 29.75
N ARG A 184 -2.59 -21.01 30.67
CA ARG A 184 -2.80 -19.94 31.66
C ARG A 184 -1.58 -19.55 32.51
N PRO A 185 -1.23 -18.25 32.53
CA PRO A 185 -0.17 -17.78 33.44
C PRO A 185 -0.70 -17.60 34.86
N ASP A 186 0.18 -17.31 35.81
CA ASP A 186 -0.21 -17.11 37.21
C ASP A 186 -1.05 -15.83 37.35
N LYS A 187 -0.51 -14.72 36.87
CA LYS A 187 -1.24 -13.44 36.83
C LYS A 187 -2.12 -13.40 35.58
N ARG A 188 -3.45 -13.42 35.78
CA ARG A 188 -4.40 -13.42 34.66
C ARG A 188 -5.76 -12.85 35.05
N ILE A 189 -6.53 -12.38 34.06
CA ILE A 189 -7.97 -12.07 34.26
C ILE A 189 -8.83 -13.27 33.90
N GLY A 190 -10.09 -13.21 34.34
CA GLY A 190 -11.10 -14.22 34.01
C GLY A 190 -11.12 -15.39 34.97
N SER A 191 -12.26 -16.09 34.99
CA SER A 191 -12.42 -17.30 35.79
C SER A 191 -11.65 -18.47 35.19
N ASP A 192 -11.42 -19.49 36.01
CA ASP A 192 -10.78 -20.73 35.55
C ASP A 192 -11.67 -21.48 34.55
N GLU A 193 -12.99 -21.38 34.71
CA GLU A 193 -13.95 -21.93 33.76
C GLU A 193 -13.80 -21.32 32.36
N MET A 194 -13.56 -20.01 32.31
CA MET A 194 -13.32 -19.31 31.05
C MET A 194 -12.02 -19.78 30.39
N TRP A 195 -10.97 -19.94 31.18
CA TRP A 195 -9.67 -20.43 30.69
C TRP A 195 -9.70 -21.89 30.23
N ASP A 196 -10.53 -22.71 30.87
CA ASP A 196 -10.73 -24.11 30.45
C ASP A 196 -11.34 -24.19 29.04
N ARG A 197 -12.36 -23.36 28.79
CA ARG A 197 -13.03 -23.31 27.49
C ARG A 197 -12.13 -22.71 26.41
N ALA A 198 -11.45 -21.61 26.74
CA ALA A 198 -10.58 -20.90 25.80
C ALA A 198 -9.39 -21.75 25.34
N GLU A 199 -8.75 -22.42 26.29
CA GLU A 199 -7.67 -23.37 25.97
C GLU A 199 -8.19 -24.58 25.18
N ALA A 200 -9.36 -25.09 25.56
CA ALA A 200 -10.01 -26.20 24.85
C ALA A 200 -10.43 -25.82 23.42
N ASP A 201 -10.92 -24.59 23.23
CA ASP A 201 -11.26 -24.07 21.90
C ASP A 201 -10.06 -24.08 20.94
N LEU A 202 -8.89 -23.68 21.44
CA LEU A 202 -7.66 -23.69 20.65
C LEU A 202 -7.19 -25.11 20.32
N ALA A 203 -7.27 -26.00 21.31
CA ALA A 203 -6.87 -27.40 21.15
C ALA A 203 -7.77 -28.17 20.17
N VAL A 204 -9.09 -28.01 20.35
CA VAL A 204 -10.08 -28.64 19.46
C VAL A 204 -9.92 -28.17 18.01
N ALA A 205 -9.67 -26.87 17.81
CA ALA A 205 -9.43 -26.31 16.48
C ALA A 205 -8.20 -26.92 15.80
N LEU A 206 -7.16 -27.19 16.58
CA LEU A 206 -5.95 -27.87 16.08
C LEU A 206 -6.20 -29.35 15.79
N GLU A 207 -6.94 -30.02 16.68
CA GLU A 207 -7.38 -31.41 16.48
C GLU A 207 -8.28 -31.57 15.24
N GLU A 208 -9.18 -30.61 15.05
CA GLU A 208 -10.06 -30.56 13.88
C GLU A 208 -9.33 -30.42 12.55
N ASN A 209 -8.16 -29.77 12.58
CA ASN A 209 -7.31 -29.64 11.39
C ASN A 209 -6.21 -30.71 11.33
N ASN A 210 -6.30 -31.71 12.21
CA ASN A 210 -5.33 -32.79 12.34
C ASN A 210 -3.89 -32.30 12.50
N ILE A 211 -3.71 -31.32 13.39
CA ILE A 211 -2.42 -30.71 13.64
C ILE A 211 -1.89 -31.16 15.01
N PRO A 212 -0.76 -31.90 15.02
CA PRO A 212 -0.13 -32.19 16.30
C PRO A 212 0.61 -30.95 16.82
N PHE A 213 0.44 -30.67 18.11
CA PHE A 213 1.10 -29.53 18.76
C PHE A 213 1.66 -29.93 20.13
N GLU A 214 2.22 -28.96 20.83
CA GLU A 214 2.72 -29.15 22.20
C GLU A 214 2.36 -27.92 23.04
N TYR A 215 2.33 -28.10 24.36
CA TYR A 215 2.05 -26.98 25.26
C TYR A 215 3.30 -26.17 25.55
N GLN A 216 3.09 -24.90 25.91
CA GLN A 216 4.13 -24.06 26.51
C GLN A 216 3.51 -23.53 27.81
N LEU A 217 3.82 -24.21 28.91
CA LEU A 217 3.04 -24.08 30.15
C LEU A 217 3.27 -22.75 30.86
N GLY A 218 2.18 -22.04 31.13
CA GLY A 218 2.22 -20.74 31.79
C GLY A 218 2.75 -19.58 30.96
N GLU A 219 2.84 -19.78 29.65
CA GLU A 219 3.43 -18.77 28.74
C GLU A 219 2.38 -17.85 28.10
N GLY A 220 1.09 -18.11 28.35
CA GLY A 220 0.02 -17.29 27.81
C GLY A 220 -0.01 -15.90 28.41
N ALA A 221 -0.62 -14.97 27.68
CA ALA A 221 -0.81 -13.60 28.17
C ALA A 221 -1.86 -13.58 29.26
N PHE A 222 -1.91 -12.48 30.01
CA PHE A 222 -2.89 -12.34 31.11
C PHE A 222 -4.36 -12.33 30.63
N TYR A 223 -4.58 -11.90 29.38
CA TYR A 223 -5.93 -11.75 28.81
C TYR A 223 -6.43 -12.96 27.98
N GLY A 224 -5.62 -14.01 27.83
CA GLY A 224 -6.07 -15.25 27.19
C GLY A 224 -4.95 -16.11 26.61
N PRO A 225 -5.27 -17.37 26.28
CA PRO A 225 -4.28 -18.28 25.71
C PRO A 225 -4.02 -17.99 24.23
N LYS A 226 -3.00 -18.63 23.68
CA LYS A 226 -2.61 -18.41 22.29
C LYS A 226 -1.99 -19.63 21.64
N ILE A 227 -2.05 -19.66 20.30
CA ILE A 227 -1.30 -20.62 19.48
C ILE A 227 -0.20 -19.82 18.77
N GLU A 228 1.00 -20.40 18.68
CA GLU A 228 2.10 -19.81 17.92
C GLU A 228 2.66 -20.83 16.92
N PHE A 229 2.97 -20.37 15.72
CA PHE A 229 3.35 -21.21 14.60
C PHE A 229 4.80 -20.93 14.23
N THR A 230 5.66 -21.95 14.36
CA THR A 230 7.07 -21.86 14.02
C THR A 230 7.33 -22.64 12.73
N LEU A 231 7.63 -21.92 11.65
CA LEU A 231 7.99 -22.55 10.37
C LEU A 231 9.48 -22.85 10.32
N TYR A 232 9.84 -23.84 9.50
CA TYR A 232 11.23 -24.26 9.32
C TYR A 232 11.67 -24.10 7.85
N ASP A 233 12.72 -23.31 7.64
CA ASP A 233 13.26 -23.07 6.29
C ASP A 233 14.04 -24.28 5.75
N CYS A 234 14.58 -24.17 4.54
CA CYS A 234 15.31 -25.28 3.89
C CYS A 234 16.62 -25.68 4.60
N LEU A 235 17.18 -24.78 5.40
CA LEU A 235 18.32 -25.08 6.28
C LEU A 235 17.91 -25.67 7.65
N ASP A 236 16.62 -25.95 7.84
CA ASP A 236 16.06 -26.48 9.09
C ASP A 236 16.22 -25.52 10.28
N ARG A 237 16.19 -24.21 10.01
CA ARG A 237 16.24 -23.17 11.04
C ARG A 237 14.83 -22.73 11.40
N ALA A 238 14.59 -22.53 12.69
CA ALA A 238 13.25 -22.22 13.21
C ALA A 238 12.94 -20.72 13.18
N TRP A 239 11.75 -20.37 12.68
CA TRP A 239 11.26 -18.99 12.65
C TRP A 239 9.82 -18.92 13.17
N GLN A 240 9.64 -18.37 14.37
CA GLN A 240 8.29 -18.13 14.91
C GLN A 240 7.67 -16.91 14.22
N CYS A 241 6.66 -17.15 13.39
CA CYS A 241 6.02 -16.10 12.61
C CYS A 241 4.53 -15.93 12.96
N GLY A 242 3.78 -17.02 12.89
CA GLY A 242 2.35 -17.00 13.12
C GLY A 242 1.95 -16.91 14.59
N THR A 243 0.80 -16.28 14.82
CA THR A 243 0.21 -16.19 16.17
C THR A 243 -1.32 -16.08 16.08
N VAL A 244 -2.01 -16.78 16.98
CA VAL A 244 -3.47 -16.66 17.13
C VAL A 244 -3.73 -16.53 18.64
N GLN A 245 -4.09 -15.32 19.06
CA GLN A 245 -4.17 -14.95 20.48
C GLN A 245 -5.60 -14.53 20.84
N LEU A 246 -6.20 -15.25 21.78
CA LEU A 246 -7.55 -14.92 22.29
C LEU A 246 -7.44 -13.81 23.33
N ASP A 247 -8.45 -12.95 23.39
CA ASP A 247 -8.45 -11.78 24.26
C ASP A 247 -9.84 -11.52 24.87
N PHE A 248 -9.90 -11.65 26.19
CA PHE A 248 -11.12 -11.38 26.97
C PHE A 248 -11.03 -10.09 27.79
N SER A 249 -10.04 -9.25 27.49
CA SER A 249 -9.76 -8.02 28.25
C SER A 249 -10.03 -6.74 27.45
N LEU A 250 -9.36 -6.60 26.31
CA LEU A 250 -9.31 -5.33 25.56
C LEU A 250 -10.68 -4.77 25.11
N PRO A 251 -11.57 -5.62 24.56
CA PRO A 251 -12.91 -5.13 24.20
C PRO A 251 -13.64 -4.43 25.35
N SER A 252 -13.60 -5.04 26.54
CA SER A 252 -14.19 -4.46 27.74
C SER A 252 -13.48 -3.18 28.19
N ARG A 253 -12.15 -3.20 28.17
CA ARG A 253 -11.34 -2.02 28.54
C ARG A 253 -11.58 -0.79 27.65
N LEU A 254 -11.85 -1.03 26.37
CA LEU A 254 -12.10 0.04 25.40
C LEU A 254 -13.58 0.20 25.01
N SER A 255 -14.48 -0.27 25.88
CA SER A 255 -15.94 -0.07 25.74
C SER A 255 -16.56 -0.64 24.45
N ALA A 256 -16.03 -1.77 23.99
CA ALA A 256 -16.55 -2.45 22.81
C ALA A 256 -17.73 -3.33 23.20
N SER A 257 -18.83 -3.21 22.45
CA SER A 257 -20.02 -4.01 22.70
C SER A 257 -20.87 -4.20 21.44
N TYR A 258 -21.86 -5.09 21.55
CA TYR A 258 -22.84 -5.32 20.48
C TYR A 258 -24.18 -5.77 21.05
N VAL A 259 -25.24 -5.60 20.26
CA VAL A 259 -26.59 -5.98 20.66
C VAL A 259 -26.79 -7.45 20.28
N GLY A 260 -27.03 -8.30 21.28
CA GLY A 260 -27.21 -9.74 21.07
C GLY A 260 -28.56 -10.09 20.47
N GLU A 261 -28.72 -11.38 20.14
CA GLU A 261 -29.99 -11.91 19.61
C GLU A 261 -31.12 -11.88 20.66
N ASP A 262 -30.74 -11.94 21.94
CA ASP A 262 -31.68 -11.73 23.06
C ASP A 262 -31.94 -10.25 23.43
N ASN A 263 -31.42 -9.32 22.62
CA ASN A 263 -31.53 -7.86 22.82
C ASN A 263 -30.72 -7.32 24.02
N GLU A 264 -29.74 -8.10 24.49
CA GLU A 264 -28.88 -7.68 25.61
C GLU A 264 -27.59 -7.08 25.07
N ARG A 265 -27.00 -6.17 25.85
CA ARG A 265 -25.68 -5.63 25.53
C ARG A 265 -24.63 -6.68 25.89
N LYS A 266 -23.85 -7.10 24.88
CA LYS A 266 -22.79 -8.10 25.06
C LYS A 266 -21.42 -7.53 24.69
N VAL A 267 -20.38 -8.01 25.38
CA VAL A 267 -19.00 -7.68 25.07
C VAL A 267 -18.46 -8.77 24.13
N PRO A 268 -17.89 -8.38 22.97
CA PRO A 268 -17.35 -9.39 22.06
C PRO A 268 -16.00 -9.93 22.52
N VAL A 269 -15.67 -11.14 22.10
CA VAL A 269 -14.34 -11.70 22.29
C VAL A 269 -13.48 -11.26 21.10
N MET A 270 -12.22 -10.95 21.38
CA MET A 270 -11.26 -10.52 20.35
C MET A 270 -10.22 -11.62 20.12
N ILE A 271 -9.99 -11.94 18.85
CA ILE A 271 -8.91 -12.84 18.45
C ILE A 271 -7.88 -12.00 17.71
N HIS A 272 -6.69 -11.86 18.29
CA HIS A 272 -5.54 -11.24 17.62
C HIS A 272 -4.93 -12.30 16.73
N ARG A 273 -4.51 -11.95 15.52
CA ARG A 273 -3.79 -12.89 14.66
C ARG A 273 -2.92 -12.22 13.59
N ALA A 274 -1.71 -12.74 13.45
CA ALA A 274 -0.79 -12.41 12.36
C ALA A 274 -0.16 -13.71 11.90
N ILE A 275 0.07 -13.84 10.60
CA ILE A 275 0.51 -15.09 9.99
C ILE A 275 1.98 -15.03 9.62
N LEU A 276 2.33 -14.06 8.78
CA LEU A 276 3.73 -13.77 8.45
C LEU A 276 4.48 -13.15 9.63
N GLY A 277 3.76 -12.41 10.48
CA GLY A 277 4.34 -11.81 11.70
C GLY A 277 4.81 -10.40 11.47
N SER A 278 5.78 -10.26 10.56
CA SER A 278 6.30 -8.97 10.14
C SER A 278 6.66 -9.08 8.66
N MET A 279 6.23 -8.11 7.86
CA MET A 279 6.47 -8.12 6.41
C MET A 279 7.98 -8.02 6.11
N GLU A 280 8.67 -7.18 6.88
CA GLU A 280 10.11 -6.96 6.73
C GLU A 280 10.87 -8.24 7.09
N ARG A 281 10.56 -8.77 8.28
CA ARG A 281 11.15 -10.01 8.79
C ARG A 281 10.91 -11.19 7.85
N PHE A 282 9.69 -11.32 7.33
CA PHE A 282 9.34 -12.44 6.45
C PHE A 282 10.08 -12.37 5.11
N ILE A 283 10.19 -11.18 4.53
CA ILE A 283 10.97 -10.96 3.30
C ILE A 283 12.44 -11.36 3.53
N GLY A 284 12.99 -10.97 4.67
CA GLY A 284 14.33 -11.38 5.09
C GLY A 284 14.50 -12.89 5.14
N ILE A 285 13.50 -13.59 5.69
CA ILE A 285 13.50 -15.05 5.76
C ILE A 285 13.38 -15.66 4.35
N LEU A 286 12.52 -15.10 3.52
CA LEU A 286 12.37 -15.54 2.12
C LEU A 286 13.66 -15.35 1.31
N THR A 287 14.35 -14.23 1.52
CA THR A 287 15.62 -13.94 0.84
C THR A 287 16.67 -15.04 1.09
N GLU A 288 16.73 -15.54 2.32
CA GLU A 288 17.66 -16.61 2.69
C GLU A 288 17.13 -18.00 2.31
N GLU A 289 15.81 -18.19 2.37
CA GLU A 289 15.16 -19.43 1.91
C GLU A 289 15.44 -19.70 0.44
N PHE A 290 15.24 -18.68 -0.39
CA PHE A 290 15.46 -18.78 -1.84
C PHE A 290 16.88 -18.40 -2.29
N ALA A 291 17.68 -17.81 -1.39
CA ALA A 291 19.04 -17.35 -1.69
C ALA A 291 19.08 -16.29 -2.79
N GLY A 292 18.07 -15.41 -2.81
CA GLY A 292 17.91 -14.39 -3.85
C GLY A 292 17.10 -14.82 -5.07
N PHE A 293 16.87 -16.11 -5.24
CA PHE A 293 16.13 -16.65 -6.38
C PHE A 293 14.64 -16.62 -6.06
N PHE A 294 14.07 -15.42 -5.96
CA PHE A 294 12.67 -15.25 -5.59
C PHE A 294 11.77 -15.86 -6.66
N PRO A 295 10.71 -16.60 -6.26
CA PRO A 295 9.78 -17.15 -7.27
C PRO A 295 9.25 -16.06 -8.21
N THR A 296 9.00 -16.42 -9.46
CA THR A 296 8.70 -15.45 -10.53
C THR A 296 7.67 -14.38 -10.13
N TRP A 297 6.64 -14.77 -9.38
CA TRP A 297 5.61 -13.81 -8.94
C TRP A 297 6.13 -12.72 -7.99
N LEU A 298 7.16 -13.05 -7.20
CA LEU A 298 7.83 -12.09 -6.30
C LEU A 298 9.00 -11.33 -6.92
N ALA A 299 9.60 -11.87 -7.99
CA ALA A 299 10.83 -11.33 -8.56
C ALA A 299 10.69 -9.86 -8.99
N PRO A 300 11.64 -8.99 -8.60
CA PRO A 300 11.60 -7.57 -9.01
C PRO A 300 11.52 -7.37 -10.53
N VAL A 301 12.41 -8.05 -11.26
CA VAL A 301 12.37 -8.12 -12.72
C VAL A 301 12.15 -9.59 -13.06
N GLN A 302 11.04 -9.88 -13.73
CA GLN A 302 10.61 -11.26 -14.00
C GLN A 302 11.21 -11.80 -15.29
N VAL A 303 11.24 -10.98 -16.33
CA VAL A 303 11.81 -11.34 -17.64
C VAL A 303 12.72 -10.23 -18.13
N VAL A 304 13.85 -10.61 -18.75
CA VAL A 304 14.64 -9.67 -19.54
C VAL A 304 14.70 -10.21 -20.97
N VAL A 305 14.22 -9.41 -21.92
CA VAL A 305 14.29 -9.75 -23.34
C VAL A 305 15.58 -9.14 -23.88
N MET A 306 16.33 -9.92 -24.67
CA MET A 306 17.65 -9.52 -25.15
C MET A 306 17.94 -10.03 -26.56
N ASN A 307 18.69 -9.22 -27.32
CA ASN A 307 19.08 -9.54 -28.70
C ASN A 307 20.55 -9.97 -28.77
N ILE A 308 20.84 -10.92 -29.66
CA ILE A 308 22.21 -11.42 -29.85
C ILE A 308 23.05 -10.35 -30.57
N THR A 309 22.61 -9.95 -31.76
CA THR A 309 23.20 -8.84 -32.50
C THR A 309 22.17 -7.71 -32.67
N ASP A 310 22.58 -6.64 -33.35
CA ASP A 310 21.69 -5.49 -33.68
C ASP A 310 20.44 -5.86 -34.50
N SER A 311 20.53 -6.94 -35.28
CA SER A 311 19.45 -7.40 -36.17
C SER A 311 18.05 -7.57 -35.52
N GLN A 312 18.02 -8.00 -34.26
CA GLN A 312 16.76 -8.35 -33.58
C GLN A 312 16.24 -7.26 -32.61
N SER A 313 16.74 -6.04 -32.71
CA SER A 313 16.40 -4.97 -31.76
C SER A 313 14.90 -4.59 -31.78
N GLU A 314 14.32 -4.53 -32.97
CA GLU A 314 12.89 -4.22 -33.12
C GLU A 314 11.98 -5.37 -32.71
N TYR A 315 12.41 -6.60 -32.98
CA TYR A 315 11.72 -7.80 -32.51
C TYR A 315 11.69 -7.84 -30.97
N VAL A 316 12.82 -7.49 -30.35
CA VAL A 316 12.90 -7.35 -28.90
C VAL A 316 11.96 -6.26 -28.36
N ASN A 317 11.90 -5.12 -29.04
CA ASN A 317 11.00 -4.02 -28.64
C ASN A 317 9.52 -4.42 -28.66
N GLU A 318 9.11 -5.11 -29.72
CA GLU A 318 7.75 -5.63 -29.84
C GLU A 318 7.46 -6.66 -28.74
N LEU A 319 8.37 -7.62 -28.58
CA LEU A 319 8.25 -8.68 -27.57
C LEU A 319 8.20 -8.13 -26.15
N THR A 320 9.04 -7.12 -25.88
CA THR A 320 9.04 -6.42 -24.59
C THR A 320 7.71 -5.71 -24.34
N GLN A 321 7.14 -5.10 -25.38
CA GLN A 321 5.82 -4.45 -25.30
C GLN A 321 4.70 -5.47 -25.06
N LYS A 322 4.79 -6.63 -25.67
CA LYS A 322 3.81 -7.71 -25.46
C LYS A 322 3.83 -8.24 -24.03
N LEU A 323 5.04 -8.42 -23.49
CA LEU A 323 5.21 -8.79 -22.08
C LEU A 323 4.76 -7.67 -21.13
N GLN A 324 4.97 -6.42 -21.53
CA GLN A 324 4.46 -5.25 -20.81
C GLN A 324 2.93 -5.27 -20.75
N ASN A 325 2.29 -5.47 -21.90
CA ASN A 325 0.83 -5.56 -22.00
C ASN A 325 0.23 -6.77 -21.26
N ALA A 326 1.01 -7.86 -21.16
CA ALA A 326 0.60 -9.05 -20.41
C ALA A 326 0.77 -8.94 -18.88
N GLY A 327 1.19 -7.77 -18.38
CA GLY A 327 1.31 -7.53 -16.95
C GLY A 327 2.56 -8.08 -16.30
N ILE A 328 3.56 -8.42 -17.12
CA ILE A 328 4.82 -8.98 -16.64
C ILE A 328 5.82 -7.85 -16.45
N ARG A 329 6.52 -7.87 -15.32
CA ARG A 329 7.61 -6.92 -15.06
C ARG A 329 8.81 -7.31 -15.93
N VAL A 330 9.03 -6.54 -17.00
CA VAL A 330 9.97 -6.89 -18.06
C VAL A 330 10.87 -5.70 -18.41
N LYS A 331 12.12 -5.99 -18.73
CA LYS A 331 13.07 -5.01 -19.24
C LYS A 331 13.67 -5.50 -20.56
N ALA A 332 14.10 -4.57 -21.40
CA ALA A 332 14.79 -4.88 -22.64
C ALA A 332 16.28 -4.59 -22.45
N ASP A 333 17.12 -5.59 -22.75
CA ASP A 333 18.56 -5.43 -22.75
C ASP A 333 19.07 -5.35 -24.19
N LEU A 334 19.13 -4.12 -24.72
CA LEU A 334 19.61 -3.84 -26.07
C LEU A 334 21.01 -3.21 -26.08
N ARG A 335 21.79 -3.44 -25.01
CA ARG A 335 23.15 -2.90 -24.92
C ARG A 335 24.04 -3.60 -25.93
N ASN A 336 25.04 -2.89 -26.44
CA ASN A 336 25.99 -3.45 -27.40
C ASN A 336 27.00 -4.34 -26.66
N GLU A 337 26.52 -5.53 -26.28
CA GLU A 337 27.30 -6.52 -25.53
C GLU A 337 27.01 -7.91 -26.09
N LYS A 338 27.91 -8.85 -25.81
CA LYS A 338 27.75 -10.25 -26.22
C LYS A 338 26.60 -10.89 -25.46
N ILE A 339 25.96 -11.91 -26.06
CA ILE A 339 24.80 -12.57 -25.46
C ILE A 339 25.13 -13.25 -24.11
N GLY A 340 26.33 -13.83 -24.01
CA GLY A 340 26.80 -14.45 -22.76
C GLY A 340 26.99 -13.44 -21.63
N PHE A 341 27.52 -12.27 -21.95
CA PHE A 341 27.66 -11.16 -21.00
C PHE A 341 26.30 -10.75 -20.43
N LYS A 342 25.31 -10.64 -21.32
CA LYS A 342 23.94 -10.27 -20.93
C LYS A 342 23.31 -11.31 -20.00
N ILE A 343 23.47 -12.58 -20.37
CA ILE A 343 22.92 -13.71 -19.61
C ILE A 343 23.58 -13.84 -18.22
N ARG A 344 24.91 -13.70 -18.16
CA ARG A 344 25.65 -13.77 -16.89
C ARG A 344 25.25 -12.68 -15.89
N GLU A 345 25.04 -11.45 -16.37
CA GLU A 345 24.62 -10.35 -15.49
C GLU A 345 23.24 -10.59 -14.89
N HIS A 346 22.26 -10.88 -15.75
CA HIS A 346 20.88 -11.11 -15.32
C HIS A 346 20.66 -12.45 -14.60
N THR A 347 21.54 -13.42 -14.84
CA THR A 347 21.63 -14.62 -14.01
C THR A 347 22.09 -14.26 -12.59
N LEU A 348 23.06 -13.35 -12.50
CA LEU A 348 23.55 -12.87 -11.19
C LEU A 348 22.54 -11.99 -10.45
N ARG A 349 21.73 -11.22 -11.19
CA ARG A 349 20.65 -10.42 -10.61
C ARG A 349 19.40 -11.25 -10.25
N ARG A 350 19.40 -12.55 -10.60
CA ARG A 350 18.33 -13.49 -10.27
C ARG A 350 17.02 -13.18 -11.01
N VAL A 351 17.14 -12.87 -12.31
CA VAL A 351 15.99 -12.66 -13.19
C VAL A 351 15.51 -14.04 -13.63
N PRO A 352 14.28 -14.46 -13.24
CA PRO A 352 13.77 -15.80 -13.56
C PRO A 352 14.00 -16.27 -15.00
N TYR A 353 13.69 -15.40 -15.96
CA TYR A 353 13.76 -15.76 -17.38
C TYR A 353 14.52 -14.73 -18.21
N MET A 354 15.33 -15.24 -19.13
CA MET A 354 16.01 -14.42 -20.12
C MET A 354 15.55 -14.89 -21.49
N LEU A 355 14.76 -14.04 -22.15
CA LEU A 355 14.18 -14.35 -23.46
C LEU A 355 15.12 -13.87 -24.57
N VAL A 356 15.89 -14.80 -25.12
CA VAL A 356 16.96 -14.51 -26.09
C VAL A 356 16.39 -14.55 -27.51
N CYS A 357 16.75 -13.54 -28.30
CA CYS A 357 16.27 -13.39 -29.68
C CYS A 357 17.42 -13.35 -30.68
N GLY A 358 17.61 -14.45 -31.39
CA GLY A 358 18.52 -14.52 -32.54
C GLY A 358 17.73 -14.54 -33.85
N ASP A 359 18.44 -14.55 -34.97
CA ASP A 359 17.82 -14.57 -36.31
C ASP A 359 16.77 -15.69 -36.46
N LYS A 360 17.14 -16.90 -36.04
CA LYS A 360 16.23 -18.07 -36.13
C LYS A 360 14.95 -17.91 -35.30
N GLU A 361 15.03 -17.17 -34.20
CA GLU A 361 13.86 -16.90 -33.34
C GLU A 361 12.93 -15.86 -33.96
N VAL A 362 13.50 -14.80 -34.54
CA VAL A 362 12.73 -13.73 -35.19
C VAL A 362 11.99 -14.26 -36.42
N GLU A 363 12.70 -15.06 -37.22
CA GLU A 363 12.16 -15.66 -38.44
C GLU A 363 10.97 -16.61 -38.22
N ALA A 364 11.02 -17.38 -37.14
CA ALA A 364 9.96 -18.35 -36.81
C ALA A 364 8.86 -17.81 -35.88
N GLY A 365 9.00 -16.57 -35.40
CA GLY A 365 8.05 -15.99 -34.45
C GLY A 365 8.13 -16.64 -33.07
N LYS A 366 9.36 -16.94 -32.64
CA LYS A 366 9.63 -17.67 -31.40
C LYS A 366 10.60 -16.89 -30.51
N VAL A 367 10.94 -17.45 -29.36
CA VAL A 367 11.99 -16.92 -28.49
C VAL A 367 12.70 -18.04 -27.72
N ALA A 368 14.02 -17.87 -27.53
CA ALA A 368 14.85 -18.87 -26.85
C ALA A 368 14.86 -18.55 -25.35
N VAL A 369 14.26 -19.42 -24.55
CA VAL A 369 14.05 -19.17 -23.12
C VAL A 369 15.20 -19.79 -22.29
N ARG A 370 15.89 -18.93 -21.54
CA ARG A 370 17.00 -19.30 -20.68
C ARG A 370 16.63 -18.90 -19.25
N THR A 371 16.67 -19.86 -18.32
CA THR A 371 16.39 -19.59 -16.90
C THR A 371 17.65 -19.13 -16.15
N ARG A 372 17.44 -18.47 -15.02
CA ARG A 372 18.53 -18.10 -14.10
C ARG A 372 19.28 -19.29 -13.47
N ARG A 373 18.68 -20.47 -13.48
CA ARG A 373 19.36 -21.70 -13.07
C ARG A 373 20.31 -22.27 -14.16
N GLY A 374 20.42 -21.60 -15.30
CA GLY A 374 21.33 -22.00 -16.38
C GLY A 374 20.74 -22.97 -17.40
N LYS A 375 19.46 -23.30 -17.25
CA LYS A 375 18.82 -24.31 -18.11
C LYS A 375 18.31 -23.72 -19.42
N ASP A 376 18.23 -24.58 -20.43
CA ASP A 376 17.81 -24.22 -21.78
C ASP A 376 16.48 -24.90 -22.09
N LEU A 377 15.42 -24.10 -22.21
CA LEU A 377 14.08 -24.61 -22.49
C LEU A 377 13.75 -24.66 -23.99
N GLY A 378 14.70 -24.23 -24.84
CA GLY A 378 14.53 -24.27 -26.30
C GLY A 378 13.83 -23.04 -26.84
N SER A 379 13.51 -23.09 -28.13
CA SER A 379 12.82 -22.00 -28.83
C SER A 379 11.32 -22.29 -28.89
N LEU A 380 10.53 -21.51 -28.15
CA LEU A 380 9.08 -21.69 -28.08
C LEU A 380 8.34 -20.51 -28.72
N ASP A 381 7.09 -20.75 -29.12
CA ASP A 381 6.22 -19.70 -29.66
C ASP A 381 6.00 -18.59 -28.62
N VAL A 382 5.96 -17.34 -29.10
CA VAL A 382 5.88 -16.16 -28.23
C VAL A 382 4.58 -16.12 -27.40
N ASN A 383 3.45 -16.37 -28.06
CA ASN A 383 2.14 -16.37 -27.39
C ASN A 383 1.97 -17.53 -26.38
N ASP A 384 2.65 -18.65 -26.62
CA ASP A 384 2.67 -19.77 -25.67
C ASP A 384 3.43 -19.38 -24.40
N VAL A 385 4.64 -18.87 -24.56
CA VAL A 385 5.51 -18.46 -23.43
C VAL A 385 4.81 -17.42 -22.55
N ILE A 386 4.18 -16.42 -23.17
CA ILE A 386 3.46 -15.37 -22.45
C ILE A 386 2.33 -15.97 -21.59
N GLU A 387 1.56 -16.90 -22.16
CA GLU A 387 0.49 -17.59 -21.44
C GLU A 387 1.03 -18.44 -20.29
N LYS A 388 2.18 -19.09 -20.49
CA LYS A 388 2.82 -19.90 -19.44
C LYS A 388 3.39 -19.06 -18.31
N LEU A 389 4.06 -17.95 -18.65
CA LEU A 389 4.55 -17.00 -17.65
C LEU A 389 3.42 -16.42 -16.80
N GLN A 390 2.33 -16.03 -17.47
CA GLN A 390 1.11 -15.55 -16.80
C GLN A 390 0.54 -16.57 -15.82
N GLN A 391 0.46 -17.83 -16.25
CA GLN A 391 -0.02 -18.93 -15.41
C GLN A 391 0.90 -19.19 -14.20
N GLU A 392 2.20 -19.06 -14.40
CA GLU A 392 3.18 -19.20 -13.32
C GLU A 392 3.04 -18.07 -12.28
N ILE A 393 2.77 -16.85 -12.78
CA ILE A 393 2.55 -15.68 -11.92
C ILE A 393 1.20 -15.75 -11.21
N ARG A 394 0.12 -16.03 -11.96
CA ARG A 394 -1.24 -16.20 -11.39
C ARG A 394 -1.29 -17.17 -10.21
N SER A 395 -0.76 -18.37 -10.41
CA SER A 395 -0.78 -19.42 -9.39
C SER A 395 0.27 -19.26 -8.28
N ARG A 396 1.18 -18.28 -8.44
CA ARG A 396 2.27 -18.03 -7.49
C ARG A 396 3.11 -19.29 -7.28
N SER A 397 3.56 -19.85 -8.40
CA SER A 397 4.26 -21.13 -8.42
C SER A 397 5.70 -20.97 -7.94
N LEU A 398 6.13 -21.91 -7.10
CA LEU A 398 7.53 -21.99 -6.67
C LEU A 398 8.45 -22.45 -7.81
N GLN A 399 7.94 -23.29 -8.70
CA GLN A 399 8.73 -23.93 -9.75
C GLN A 399 8.69 -23.11 -11.03
N GLN A 400 9.82 -23.05 -11.73
CA GLN A 400 9.90 -22.43 -13.05
C GLN A 400 9.46 -23.43 -14.13
N LEU A 401 9.34 -22.95 -15.36
CA LEU A 401 8.92 -23.79 -16.49
C LEU A 401 9.98 -24.82 -16.89
N GLU A 402 9.52 -25.86 -17.57
CA GLU A 402 10.34 -27.04 -17.89
C GLU A 402 10.76 -27.03 -19.35
N GLY B 2 -26.03 19.66 -0.26
CA GLY B 2 -25.51 18.59 0.64
C GLY B 2 -24.40 17.78 -0.01
N ARG B 3 -23.16 18.25 0.12
CA ARG B 3 -21.99 17.55 -0.40
C ARG B 3 -20.80 17.56 0.58
N ASP B 4 -21.09 17.57 1.88
CA ASP B 4 -20.07 17.58 2.92
C ASP B 4 -19.39 16.21 3.00
N HIS B 5 -18.06 16.19 2.84
CA HIS B 5 -17.27 14.95 2.92
C HIS B 5 -17.31 14.29 4.30
N ARG B 6 -17.52 15.09 5.35
CA ARG B 6 -17.74 14.58 6.71
C ARG B 6 -19.04 13.79 6.79
N LYS B 7 -20.10 14.35 6.20
CA LYS B 7 -21.43 13.74 6.18
C LYS B 7 -21.43 12.46 5.33
N ILE B 8 -20.90 12.58 4.12
CA ILE B 8 -20.82 11.44 3.18
C ILE B 8 -19.88 10.35 3.72
N GLY B 9 -18.79 10.75 4.37
CA GLY B 9 -17.86 9.83 5.04
C GLY B 9 -18.52 8.99 6.11
N LYS B 10 -19.47 9.58 6.85
CA LYS B 10 -20.23 8.85 7.86
C LYS B 10 -21.31 7.96 7.23
N GLN B 11 -22.06 8.51 6.27
CA GLN B 11 -23.15 7.79 5.59
C GLN B 11 -22.66 6.53 4.87
N LEU B 12 -21.60 6.69 4.07
CA LEU B 12 -21.02 5.58 3.31
C LEU B 12 -19.94 4.78 4.06
N ASP B 13 -19.72 5.12 5.33
CA ASP B 13 -18.82 4.37 6.23
C ASP B 13 -17.40 4.29 5.65
N LEU B 14 -16.89 5.45 5.24
CA LEU B 14 -15.60 5.55 4.59
C LEU B 14 -14.49 5.75 5.62
N TYR B 15 -14.69 6.73 6.50
CA TYR B 15 -13.71 7.05 7.53
C TYR B 15 -14.38 7.65 8.76
N HIS B 16 -13.59 7.84 9.81
CA HIS B 16 -13.98 8.66 10.95
C HIS B 16 -12.75 9.25 11.61
N MET B 17 -12.98 10.24 12.47
CA MET B 17 -11.94 10.86 13.27
C MET B 17 -12.45 11.07 14.69
N GLN B 18 -11.53 11.11 15.64
CA GLN B 18 -11.87 11.31 17.05
C GLN B 18 -10.77 12.09 17.79
N GLU B 19 -11.12 12.55 18.99
CA GLU B 19 -10.24 13.46 19.76
C GLU B 19 -8.96 12.82 20.30
N GLU B 20 -8.91 11.49 20.37
CA GLU B 20 -7.70 10.79 20.81
C GLU B 20 -6.57 10.83 19.77
N ALA B 21 -6.92 11.07 18.50
CA ALA B 21 -5.96 11.22 17.41
C ALA B 21 -6.35 12.43 16.53
N PRO B 22 -6.05 13.66 16.99
CA PRO B 22 -6.46 14.86 16.24
C PRO B 22 -5.80 14.96 14.87
N GLY B 23 -6.60 15.22 13.83
CA GLY B 23 -6.09 15.37 12.47
C GLY B 23 -5.50 14.12 11.85
N MET B 24 -5.92 12.94 12.30
CA MET B 24 -5.40 11.66 11.79
C MET B 24 -6.55 10.68 11.57
N VAL B 25 -6.62 10.14 10.36
CA VAL B 25 -7.82 9.49 9.85
C VAL B 25 -7.84 7.98 10.17
N PHE B 26 -8.98 7.50 10.66
CA PHE B 26 -9.28 6.08 10.72
C PHE B 26 -10.01 5.71 9.42
N TRP B 27 -9.31 5.06 8.49
CA TRP B 27 -9.92 4.62 7.23
C TRP B 27 -10.65 3.30 7.43
N HIS B 28 -11.96 3.30 7.21
CA HIS B 28 -12.79 2.09 7.28
C HIS B 28 -12.64 1.33 5.96
N ASN B 29 -13.26 0.15 5.88
CA ASN B 29 -13.15 -0.72 4.70
C ASN B 29 -13.40 -0.01 3.37
N ASP B 30 -14.56 0.63 3.26
CA ASP B 30 -15.00 1.26 2.00
C ASP B 30 -14.18 2.50 1.62
N GLY B 31 -13.75 3.27 2.62
CA GLY B 31 -12.91 4.45 2.38
C GLY B 31 -11.50 4.05 2.01
N TRP B 32 -10.98 3.01 2.67
CA TRP B 32 -9.67 2.46 2.36
C TRP B 32 -9.62 1.83 0.97
N THR B 33 -10.74 1.30 0.48
CA THR B 33 -10.87 0.83 -0.90
C THR B 33 -10.67 1.98 -1.89
N ILE B 34 -11.31 3.12 -1.62
CA ILE B 34 -11.15 4.33 -2.45
C ILE B 34 -9.69 4.77 -2.45
N PHE B 35 -9.10 4.81 -1.26
CA PHE B 35 -7.69 5.17 -1.06
C PHE B 35 -6.77 4.31 -1.94
N ARG B 36 -6.98 3.00 -1.89
CA ARG B 36 -6.13 2.05 -2.62
C ARG B 36 -6.31 2.10 -4.14
N GLU B 37 -7.52 2.39 -4.62
CA GLU B 37 -7.76 2.55 -6.05
C GLU B 37 -7.13 3.83 -6.61
N LEU B 38 -7.18 4.90 -5.82
CA LEU B 38 -6.45 6.13 -6.12
C LEU B 38 -4.94 5.87 -6.17
N GLU B 39 -4.46 5.05 -5.24
CA GLU B 39 -3.05 4.64 -5.20
C GLU B 39 -2.67 3.87 -6.47
N VAL B 40 -3.50 2.90 -6.85
CA VAL B 40 -3.31 2.10 -8.08
C VAL B 40 -3.27 3.00 -9.33
N PHE B 41 -4.14 4.01 -9.37
CA PHE B 41 -4.16 4.98 -10.47
C PHE B 41 -2.85 5.78 -10.57
N VAL B 42 -2.36 6.23 -9.43
CA VAL B 42 -1.09 6.98 -9.35
C VAL B 42 0.07 6.09 -9.81
N ARG B 43 0.08 4.82 -9.37
CA ARG B 43 1.10 3.85 -9.79
C ARG B 43 1.18 3.63 -11.30
N SER B 44 0.02 3.58 -11.96
CA SER B 44 -0.02 3.45 -13.42
C SER B 44 0.61 4.65 -14.12
N LYS B 45 0.41 5.84 -13.56
CA LYS B 45 1.07 7.07 -14.05
C LYS B 45 2.55 7.11 -13.71
N LEU B 46 2.94 6.65 -12.51
CA LEU B 46 4.35 6.51 -12.16
C LEU B 46 5.10 5.61 -13.16
N LYS B 47 4.46 4.51 -13.55
CA LYS B 47 5.00 3.60 -14.57
C LYS B 47 5.08 4.26 -15.95
N GLU B 48 4.04 4.98 -16.34
CA GLU B 48 3.98 5.67 -17.63
C GLU B 48 5.07 6.75 -17.74
N TYR B 49 5.15 7.59 -16.71
CA TYR B 49 6.15 8.67 -16.65
C TYR B 49 7.54 8.23 -16.14
N GLN B 50 7.70 6.94 -15.88
CA GLN B 50 8.99 6.29 -15.60
C GLN B 50 9.62 6.71 -14.28
N TYR B 51 8.92 6.34 -13.22
CA TYR B 51 9.36 6.57 -11.85
C TYR B 51 9.64 5.25 -11.16
N GLN B 52 10.61 5.27 -10.24
CA GLN B 52 10.75 4.23 -9.24
C GLN B 52 9.78 4.54 -8.11
N GLU B 53 9.33 3.49 -7.42
CA GLU B 53 8.59 3.64 -6.17
C GLU B 53 9.41 3.07 -5.01
N VAL B 54 9.68 3.91 -4.01
CA VAL B 54 10.47 3.53 -2.83
C VAL B 54 9.63 3.65 -1.57
N LYS B 55 10.20 3.25 -0.44
CA LYS B 55 9.59 3.47 0.87
C LYS B 55 10.70 3.75 1.90
N GLY B 56 10.63 4.94 2.51
CA GLY B 56 11.60 5.37 3.50
C GLY B 56 11.11 5.12 4.92
N PRO B 57 12.00 5.24 5.91
CA PRO B 57 11.62 4.98 7.30
C PRO B 57 10.76 6.09 7.88
N PHE B 58 10.02 5.75 8.93
CA PHE B 58 9.09 6.66 9.57
C PHE B 58 9.83 7.73 10.39
N MET B 59 10.89 7.32 11.09
CA MET B 59 11.72 8.22 11.89
C MET B 59 13.12 8.35 11.29
N MET B 60 13.79 9.43 11.68
CA MET B 60 15.19 9.66 11.30
C MET B 60 15.82 10.61 12.31
N ASP B 61 17.14 10.48 12.51
CA ASP B 61 17.87 11.22 13.55
C ASP B 61 17.75 12.73 13.36
N ARG B 62 17.62 13.46 14.48
CA ARG B 62 17.61 14.93 14.48
C ARG B 62 18.91 15.51 13.91
N VAL B 63 20.03 14.81 14.12
CA VAL B 63 21.32 15.19 13.55
C VAL B 63 21.22 15.33 12.03
N LEU B 64 20.54 14.37 11.39
CA LEU B 64 20.28 14.43 9.95
C LEU B 64 19.28 15.53 9.57
N TRP B 65 18.23 15.70 10.37
CA TRP B 65 17.21 16.73 10.09
C TRP B 65 17.72 18.17 10.23
N GLU B 66 18.69 18.39 11.11
CA GLU B 66 19.37 19.70 11.20
C GLU B 66 20.29 19.99 10.02
N LYS B 67 20.81 18.94 9.38
CA LYS B 67 21.59 19.08 8.14
C LYS B 67 20.76 19.45 6.90
N THR B 68 19.44 19.30 6.95
CA THR B 68 18.58 19.62 5.79
C THR B 68 18.45 21.13 5.54
N GLY B 69 18.54 21.93 6.60
CA GLY B 69 18.37 23.38 6.52
C GLY B 69 16.94 23.85 6.76
N HIS B 70 16.05 22.92 7.12
CA HIS B 70 14.64 23.23 7.40
C HIS B 70 14.36 23.39 8.89
N TRP B 71 15.34 23.08 9.74
CA TRP B 71 15.12 23.00 11.19
C TRP B 71 14.69 24.32 11.84
N ASP B 72 15.33 25.43 11.47
CA ASP B 72 15.01 26.74 12.06
C ASP B 72 13.60 27.21 11.73
N ASN B 73 13.20 27.06 10.46
CA ASN B 73 11.87 27.47 10.00
C ASN B 73 10.73 26.54 10.46
N TYR B 74 11.02 25.25 10.70
CA TYR B 74 9.99 24.24 10.91
C TYR B 74 10.12 23.36 12.18
N LYS B 75 11.01 23.72 13.11
CA LYS B 75 11.15 22.96 14.38
C LYS B 75 9.87 22.88 15.22
N ASP B 76 9.06 23.93 15.19
CA ASP B 76 7.78 23.95 15.91
C ASP B 76 6.72 23.02 15.29
N ALA B 77 6.84 22.74 13.98
CA ALA B 77 5.96 21.81 13.27
C ALA B 77 6.46 20.35 13.25
N MET B 78 7.54 20.05 13.97
CA MET B 78 8.09 18.69 14.04
C MET B 78 7.49 17.90 15.20
N PHE B 79 7.18 16.63 14.94
CA PHE B 79 6.91 15.66 15.99
C PHE B 79 8.23 14.98 16.35
N THR B 80 8.66 15.12 17.60
CA THR B 80 9.91 14.53 18.08
C THR B 80 9.66 13.42 19.09
N THR B 81 10.48 12.38 19.02
CA THR B 81 10.48 11.26 19.97
C THR B 81 11.93 10.84 20.22
N SER B 82 12.18 10.18 21.34
CA SER B 82 13.55 9.82 21.73
C SER B 82 13.72 8.34 22.09
N SER B 83 14.94 7.85 21.91
CA SER B 83 15.32 6.48 22.20
C SER B 83 16.82 6.42 22.45
N GLU B 84 17.21 5.97 23.65
CA GLU B 84 18.61 5.78 24.03
C GLU B 84 19.42 7.08 23.92
N ASN B 85 18.87 8.16 24.49
CA ASN B 85 19.48 9.49 24.49
C ASN B 85 19.79 10.03 23.09
N ARG B 86 18.89 9.74 22.15
CA ARG B 86 18.95 10.29 20.79
C ARG B 86 17.56 10.74 20.38
N GLU B 87 17.45 11.99 19.92
CA GLU B 87 16.18 12.56 19.50
C GLU B 87 15.95 12.28 18.01
N TYR B 88 14.76 11.73 17.69
CA TYR B 88 14.36 11.40 16.32
C TYR B 88 13.12 12.19 15.94
N CYS B 89 13.08 12.68 14.70
CA CYS B 89 11.89 13.32 14.16
C CYS B 89 11.06 12.32 13.37
N ILE B 90 9.74 12.35 13.57
CA ILE B 90 8.81 11.64 12.70
C ILE B 90 8.76 12.52 11.45
N LYS B 91 8.94 11.91 10.28
CA LYS B 91 9.16 12.71 9.06
C LYS B 91 7.94 13.56 8.65
N PRO B 92 8.15 14.88 8.42
CA PRO B 92 7.15 15.74 7.81
C PRO B 92 7.24 15.79 6.27
N MET B 93 8.36 15.32 5.72
CA MET B 93 8.59 15.28 4.28
C MET B 93 9.48 14.09 3.95
N ASN B 94 9.43 13.64 2.70
CA ASN B 94 10.09 12.40 2.28
C ASN B 94 11.43 12.63 1.57
N CYS B 95 11.79 13.90 1.37
CA CYS B 95 12.94 14.26 0.53
C CYS B 95 14.28 13.77 1.09
N PRO B 96 14.57 14.03 2.38
CA PRO B 96 15.82 13.53 2.95
C PRO B 96 16.01 12.03 2.85
N GLY B 97 14.94 11.27 3.10
CA GLY B 97 14.95 9.81 2.92
C GLY B 97 15.25 9.35 1.50
N HIS B 98 14.72 10.08 0.52
CA HIS B 98 15.00 9.81 -0.90
C HIS B 98 16.46 10.06 -1.28
N VAL B 99 17.09 11.06 -0.66
CA VAL B 99 18.52 11.32 -0.85
C VAL B 99 19.36 10.20 -0.24
N GLN B 100 18.93 9.67 0.92
CA GLN B 100 19.64 8.54 1.56
C GLN B 100 19.65 7.28 0.69
N ILE B 101 18.56 7.05 -0.05
CA ILE B 101 18.49 5.96 -1.03
C ILE B 101 19.36 6.28 -2.24
N PHE B 102 19.32 7.54 -2.71
CA PHE B 102 20.16 8.02 -3.81
C PHE B 102 21.67 7.88 -3.51
N ASN B 103 22.06 8.13 -2.27
CA ASN B 103 23.46 8.03 -1.85
C ASN B 103 24.00 6.59 -1.76
N GLN B 104 23.12 5.60 -1.67
CA GLN B 104 23.54 4.18 -1.72
C GLN B 104 24.00 3.80 -3.12
N GLY B 105 25.26 3.40 -3.22
CA GLY B 105 25.86 3.02 -4.51
C GLY B 105 26.33 4.22 -5.30
N LEU B 106 27.23 3.98 -6.23
CA LEU B 106 27.81 5.04 -7.06
C LEU B 106 26.88 5.41 -8.21
N LYS B 107 26.51 6.69 -8.28
CA LYS B 107 25.68 7.22 -9.36
C LYS B 107 26.54 7.93 -10.41
N SER B 108 26.07 7.90 -11.65
CA SER B 108 26.69 8.63 -12.75
C SER B 108 25.62 9.43 -13.52
N TYR B 109 26.07 10.21 -14.50
CA TYR B 109 25.18 10.94 -15.42
C TYR B 109 24.25 10.00 -16.22
N ARG B 110 24.71 8.78 -16.46
CA ARG B 110 23.92 7.74 -17.13
C ARG B 110 22.62 7.41 -16.38
N ASP B 111 22.68 7.43 -15.05
CA ASP B 111 21.52 7.14 -14.19
C ASP B 111 20.51 8.29 -14.09
N LEU B 112 20.89 9.50 -14.51
CA LEU B 112 20.01 10.67 -14.48
C LEU B 112 19.29 10.85 -15.83
N PRO B 113 18.04 11.35 -15.85
CA PRO B 113 17.29 11.73 -14.64
C PRO B 113 16.75 10.53 -13.87
N LEU B 114 16.99 10.52 -12.56
CA LEU B 114 16.49 9.48 -11.67
C LEU B 114 15.25 10.02 -10.97
N ARG B 115 14.11 9.40 -11.23
CA ARG B 115 12.82 9.83 -10.69
C ARG B 115 12.37 8.85 -9.62
N MET B 116 12.26 9.33 -8.37
CA MET B 116 12.00 8.48 -7.21
C MET B 116 10.70 8.91 -6.50
N ALA B 117 9.65 8.11 -6.69
CA ALA B 117 8.34 8.38 -6.09
C ALA B 117 8.09 7.59 -4.80
N GLU B 118 7.16 8.09 -4.00
CA GLU B 118 6.74 7.42 -2.77
C GLU B 118 5.37 7.93 -2.31
N PHE B 119 4.55 7.01 -1.82
CA PHE B 119 3.33 7.36 -1.08
C PHE B 119 3.76 7.56 0.37
N GLY B 120 4.31 8.74 0.63
CA GLY B 120 5.01 9.03 1.88
C GLY B 120 4.12 9.52 3.00
N SER B 121 4.00 8.70 4.05
CA SER B 121 3.26 9.07 5.25
C SER B 121 3.99 10.17 6.03
N CYS B 122 3.39 11.36 6.04
CA CYS B 122 3.99 12.53 6.68
C CYS B 122 3.15 13.03 7.85
N HIS B 123 3.82 13.51 8.89
CA HIS B 123 3.16 14.09 10.06
C HIS B 123 3.73 15.48 10.33
N ARG B 124 2.84 16.46 10.47
CA ARG B 124 3.21 17.84 10.76
C ARG B 124 2.38 18.33 11.95
N ASN B 125 3.07 18.91 12.94
CA ASN B 125 2.47 19.33 14.20
C ASN B 125 1.81 20.70 14.05
N GLU B 126 0.65 20.71 13.41
CA GLU B 126 -0.12 21.93 13.15
C GLU B 126 -1.03 22.21 14.35
N PRO B 127 -1.40 23.49 14.59
CA PRO B 127 -2.36 23.80 15.67
C PRO B 127 -3.70 23.07 15.50
N SER B 128 -4.16 22.42 16.57
CA SER B 128 -5.33 21.53 16.53
C SER B 128 -6.64 22.25 16.23
N GLY B 129 -6.75 23.51 16.66
CA GLY B 129 -7.93 24.33 16.38
C GLY B 129 -8.23 24.55 14.90
N ALA B 130 -7.18 24.64 14.08
CA ALA B 130 -7.32 24.85 12.63
C ALA B 130 -7.61 23.58 11.82
N LEU B 131 -7.51 22.41 12.45
CA LEU B 131 -7.80 21.13 11.79
C LEU B 131 -9.29 21.01 11.50
N HIS B 132 -9.64 20.45 10.35
CA HIS B 132 -11.05 20.22 9.99
C HIS B 132 -11.17 19.16 8.88
N GLY B 133 -11.87 18.07 9.18
CA GLY B 133 -12.15 17.00 8.22
C GLY B 133 -10.89 16.36 7.66
N LEU B 134 -10.92 16.05 6.36
CA LEU B 134 -9.76 15.58 5.61
C LEU B 134 -8.99 16.72 4.93
N MET B 135 -9.50 17.94 5.01
CA MET B 135 -8.90 19.09 4.29
C MET B 135 -7.65 19.62 4.98
N ARG B 136 -7.76 19.85 6.29
CA ARG B 136 -6.61 20.25 7.12
C ARG B 136 -6.35 19.16 8.15
N VAL B 137 -5.22 18.46 8.01
CA VAL B 137 -4.88 17.29 8.82
C VAL B 137 -3.44 17.33 9.32
N ARG B 138 -3.15 16.48 10.30
CA ARG B 138 -1.79 16.31 10.83
C ARG B 138 -1.08 15.19 10.10
N GLY B 139 -1.68 14.00 10.13
CA GLY B 139 -1.16 12.82 9.44
C GLY B 139 -1.74 12.73 8.04
N PHE B 140 -0.88 12.66 7.04
CA PHE B 140 -1.32 12.52 5.65
C PHE B 140 -0.31 11.75 4.79
N THR B 141 -0.76 11.38 3.59
CA THR B 141 0.02 10.58 2.66
C THR B 141 0.22 11.42 1.40
N GLN B 142 1.47 11.78 1.13
CA GLN B 142 1.82 12.62 -0.01
C GLN B 142 2.13 11.74 -1.20
N ASP B 143 1.51 12.03 -2.35
CA ASP B 143 1.89 11.38 -3.63
C ASP B 143 3.18 12.03 -4.14
N ASP B 144 4.25 11.76 -3.40
CA ASP B 144 5.49 12.52 -3.50
C ASP B 144 6.43 11.89 -4.49
N ALA B 145 7.29 12.71 -5.07
CA ALA B 145 8.43 12.21 -5.84
C ALA B 145 9.53 13.26 -5.91
N HIS B 146 10.75 12.80 -6.11
CA HIS B 146 11.91 13.67 -6.24
C HIS B 146 12.73 13.24 -7.44
N ILE B 147 13.05 14.21 -8.30
CA ILE B 147 13.75 13.98 -9.55
C ILE B 147 15.18 14.51 -9.39
N PHE B 148 16.15 13.59 -9.40
CA PHE B 148 17.56 13.95 -9.41
C PHE B 148 18.01 14.06 -10.86
N CYS B 149 18.52 15.22 -11.25
CA CYS B 149 18.89 15.48 -12.65
C CYS B 149 19.99 16.54 -12.77
N THR B 150 20.48 16.69 -14.00
CA THR B 150 21.48 17.71 -14.31
C THR B 150 20.78 19.06 -14.51
N GLU B 151 21.57 20.12 -14.63
CA GLU B 151 21.05 21.46 -14.94
C GLU B 151 20.46 21.53 -16.35
N GLU B 152 21.01 20.73 -17.26
CA GLU B 152 20.55 20.67 -18.66
C GLU B 152 19.23 19.92 -18.82
N GLN B 153 18.91 19.04 -17.86
CA GLN B 153 17.69 18.21 -17.88
C GLN B 153 16.48 18.83 -17.15
N ILE B 154 16.67 19.94 -16.45
CA ILE B 154 15.58 20.60 -15.69
C ILE B 154 14.40 20.94 -16.59
N ARG B 155 14.69 21.60 -17.71
CA ARG B 155 13.66 22.04 -18.68
C ARG B 155 12.72 20.88 -19.07
N ASP B 156 13.31 19.76 -19.48
CA ASP B 156 12.55 18.58 -19.91
C ASP B 156 11.77 17.90 -18.78
N GLU B 157 12.37 17.83 -17.60
CA GLU B 157 11.71 17.21 -16.43
C GLU B 157 10.56 18.04 -15.87
N VAL B 158 10.68 19.36 -15.96
CA VAL B 158 9.58 20.28 -15.59
C VAL B 158 8.42 20.16 -16.59
N ASN B 159 8.76 20.05 -17.89
CA ASN B 159 7.75 19.76 -18.93
C ASN B 159 6.98 18.47 -18.64
N ALA B 160 7.70 17.41 -18.26
CA ALA B 160 7.09 16.12 -17.94
C ALA B 160 6.22 16.18 -16.68
N CYS B 161 6.67 16.91 -15.66
CA CYS B 161 5.86 17.17 -14.46
C CYS B 161 4.57 17.91 -14.81
N ILE B 162 4.67 18.94 -15.65
CA ILE B 162 3.51 19.72 -16.08
C ILE B 162 2.48 18.83 -16.80
N ARG B 163 2.95 18.04 -17.76
CA ARG B 163 2.07 17.09 -18.48
C ARG B 163 1.40 16.09 -17.52
N MET B 164 2.16 15.60 -16.54
CA MET B 164 1.64 14.65 -15.55
C MET B 164 0.58 15.27 -14.64
N VAL B 165 0.71 16.57 -14.35
CA VAL B 165 -0.26 17.31 -13.53
C VAL B 165 -1.62 17.40 -14.23
N TYR B 166 -1.63 17.93 -15.44
CA TYR B 166 -2.87 18.11 -16.22
C TYR B 166 -3.54 16.79 -16.61
N ASP B 167 -2.72 15.80 -16.96
CA ASP B 167 -3.19 14.45 -17.27
C ASP B 167 -3.95 13.84 -16.09
N MET B 168 -3.36 13.91 -14.90
CA MET B 168 -3.98 13.36 -13.69
C MET B 168 -5.21 14.14 -13.21
N TYR B 169 -5.19 15.46 -13.32
CA TYR B 169 -6.35 16.29 -12.96
C TYR B 169 -7.55 16.05 -13.89
N SER B 170 -7.30 15.90 -15.18
CA SER B 170 -8.38 15.68 -16.16
C SER B 170 -9.06 14.31 -16.02
N THR B 171 -8.38 13.34 -15.40
CA THR B 171 -8.98 12.05 -15.03
C THR B 171 -10.21 12.22 -14.13
N PHE B 172 -10.16 13.18 -13.21
CA PHE B 172 -11.26 13.45 -12.26
C PHE B 172 -12.17 14.61 -12.70
N GLY B 173 -12.05 15.04 -13.96
CA GLY B 173 -12.87 16.12 -14.51
C GLY B 173 -12.48 17.54 -14.13
N PHE B 174 -11.26 17.73 -13.62
CA PHE B 174 -10.77 19.06 -13.22
C PHE B 174 -9.99 19.72 -14.35
N GLU B 175 -10.66 20.61 -15.09
CA GLU B 175 -10.09 21.31 -16.25
C GLU B 175 -9.68 22.76 -15.97
N LYS B 176 -10.40 23.45 -15.08
CA LYS B 176 -10.04 24.81 -14.68
C LYS B 176 -8.86 24.80 -13.71
N ILE B 177 -7.66 25.06 -14.23
CA ILE B 177 -6.43 25.07 -13.44
C ILE B 177 -5.81 26.46 -13.46
N VAL B 178 -5.40 26.94 -12.28
CA VAL B 178 -4.65 28.20 -12.13
C VAL B 178 -3.22 27.86 -11.71
N VAL B 179 -2.26 28.55 -12.33
CA VAL B 179 -0.84 28.27 -12.17
C VAL B 179 -0.13 29.53 -11.65
N LYS B 180 0.78 29.34 -10.69
CA LYS B 180 1.50 30.43 -10.04
C LYS B 180 2.98 30.10 -9.91
N LEU B 181 3.84 31.01 -10.37
CA LEU B 181 5.30 30.83 -10.37
C LEU B 181 5.95 31.72 -9.31
N SER B 182 6.44 31.12 -8.23
CA SER B 182 7.08 31.86 -7.13
C SER B 182 8.55 32.18 -7.42
N THR B 183 8.89 33.46 -7.32
CA THR B 183 10.20 33.98 -7.75
C THR B 183 11.13 34.14 -6.53
N ARG B 184 12.38 34.55 -6.77
CA ARG B 184 13.40 34.66 -5.70
C ARG B 184 12.96 35.48 -4.47
N PRO B 185 13.10 34.90 -3.25
CA PRO B 185 12.82 35.63 -2.02
C PRO B 185 14.03 36.42 -1.50
N ASP B 186 13.84 37.16 -0.42
CA ASP B 186 14.91 37.93 0.22
C ASP B 186 15.96 37.04 0.89
N LYS B 187 15.50 35.91 1.45
CA LYS B 187 16.37 34.92 2.09
C LYS B 187 17.37 34.33 1.08
N ARG B 188 16.93 33.28 0.37
CA ARG B 188 17.62 32.64 -0.77
C ARG B 188 19.12 32.28 -0.70
N ILE B 189 19.44 31.11 -1.25
CA ILE B 189 20.84 30.70 -1.50
C ILE B 189 21.08 30.75 -3.00
N GLY B 190 22.36 30.78 -3.37
CA GLY B 190 22.76 30.77 -4.78
C GLY B 190 22.78 32.15 -5.38
N SER B 191 23.41 32.25 -6.54
CA SER B 191 23.60 33.52 -7.22
C SER B 191 22.36 33.97 -7.96
N ASP B 192 22.40 35.22 -8.43
CA ASP B 192 21.33 35.79 -9.24
C ASP B 192 21.26 35.14 -10.62
N GLU B 193 22.41 34.75 -11.15
CA GLU B 193 22.49 34.02 -12.42
C GLU B 193 21.86 32.62 -12.32
N MET B 194 21.97 31.98 -11.15
CA MET B 194 21.32 30.69 -10.89
C MET B 194 19.80 30.86 -10.86
N TRP B 195 19.32 31.89 -10.14
CA TRP B 195 17.89 32.20 -10.07
C TRP B 195 17.32 32.71 -11.39
N ASP B 196 18.12 33.44 -12.18
CA ASP B 196 17.72 33.84 -13.54
C ASP B 196 17.39 32.61 -14.40
N ARG B 197 18.29 31.63 -14.37
CA ARG B 197 18.14 30.39 -15.14
C ARG B 197 17.02 29.50 -14.60
N ALA B 198 16.98 29.32 -13.28
CA ALA B 198 15.97 28.49 -12.62
C ALA B 198 14.54 28.98 -12.84
N GLU B 199 14.34 30.29 -12.69
CA GLU B 199 13.03 30.92 -12.94
C GLU B 199 12.62 30.85 -14.42
N ALA B 200 13.61 31.00 -15.32
CA ALA B 200 13.39 30.88 -16.76
C ALA B 200 13.01 29.46 -17.17
N ASP B 201 13.61 28.45 -16.53
CA ASP B 201 13.30 27.04 -16.81
C ASP B 201 11.83 26.70 -16.54
N LEU B 202 11.28 27.25 -15.45
CA LEU B 202 9.87 27.05 -15.11
C LEU B 202 8.95 27.86 -16.01
N ALA B 203 9.34 29.11 -16.27
CA ALA B 203 8.56 30.04 -17.10
C ALA B 203 8.40 29.55 -18.54
N VAL B 204 9.52 29.19 -19.17
CA VAL B 204 9.52 28.75 -20.58
C VAL B 204 8.80 27.41 -20.75
N ALA B 205 8.97 26.50 -19.80
CA ALA B 205 8.25 25.22 -19.78
C ALA B 205 6.73 25.42 -19.79
N LEU B 206 6.25 26.37 -18.99
CA LEU B 206 4.83 26.75 -18.98
C LEU B 206 4.42 27.48 -20.27
N GLU B 207 5.24 28.42 -20.71
CA GLU B 207 4.98 29.19 -21.95
C GLU B 207 4.92 28.31 -23.20
N GLU B 208 5.82 27.33 -23.27
CA GLU B 208 5.84 26.38 -24.40
C GLU B 208 4.66 25.41 -24.43
N ASN B 209 4.04 25.19 -23.27
CA ASN B 209 2.80 24.39 -23.19
C ASN B 209 1.54 25.27 -23.19
N ASN B 210 1.71 26.56 -23.52
CA ASN B 210 0.62 27.53 -23.58
C ASN B 210 -0.19 27.60 -22.29
N ILE B 211 0.51 27.60 -21.16
CA ILE B 211 -0.14 27.65 -19.86
C ILE B 211 0.07 29.05 -19.27
N PRO B 212 -1.03 29.81 -19.08
CA PRO B 212 -0.95 31.13 -18.46
C PRO B 212 -0.68 31.03 -16.95
N PHE B 213 0.09 31.98 -16.45
CA PHE B 213 0.46 32.00 -15.03
C PHE B 213 0.75 33.41 -14.53
N GLU B 214 0.51 33.61 -13.24
CA GLU B 214 0.83 34.86 -12.55
C GLU B 214 2.09 34.65 -11.71
N TYR B 215 2.99 35.64 -11.73
CA TYR B 215 4.19 35.60 -10.89
C TYR B 215 3.83 35.87 -9.42
N GLN B 216 4.55 35.22 -8.50
CA GLN B 216 4.41 35.44 -7.06
C GLN B 216 5.78 35.90 -6.52
N LEU B 217 5.99 37.21 -6.53
CA LEU B 217 7.30 37.82 -6.29
C LEU B 217 7.90 37.55 -4.90
N GLY B 218 7.15 37.91 -3.86
CA GLY B 218 7.63 37.73 -2.47
C GLY B 218 7.85 36.27 -2.09
N GLU B 219 6.90 35.42 -2.46
CA GLU B 219 6.91 34.00 -2.10
C GLU B 219 7.95 33.22 -2.89
N GLY B 220 8.19 31.97 -2.48
CA GLY B 220 9.23 31.11 -3.06
C GLY B 220 10.24 30.71 -1.99
N ALA B 221 10.69 29.46 -2.05
CA ALA B 221 11.60 28.91 -1.03
C ALA B 221 13.01 29.48 -1.16
N PHE B 222 13.79 29.33 -0.10
CA PHE B 222 15.20 29.78 -0.09
C PHE B 222 16.10 28.94 -1.00
N TYR B 223 15.67 27.72 -1.34
CA TYR B 223 16.48 26.78 -2.14
C TYR B 223 16.14 26.74 -3.63
N GLY B 224 15.09 27.46 -4.06
CA GLY B 224 14.75 27.56 -5.48
C GLY B 224 13.33 28.02 -5.74
N PRO B 225 13.01 28.36 -7.00
CA PRO B 225 11.65 28.74 -7.38
C PRO B 225 10.75 27.53 -7.55
N LYS B 226 9.44 27.76 -7.59
CA LYS B 226 8.45 26.69 -7.71
C LYS B 226 7.24 27.10 -8.55
N ILE B 227 6.60 26.10 -9.15
CA ILE B 227 5.29 26.26 -9.78
C ILE B 227 4.29 25.59 -8.85
N GLU B 228 3.17 26.26 -8.57
CA GLU B 228 2.06 25.68 -7.81
C GLU B 228 0.80 25.65 -8.66
N PHE B 229 0.08 24.53 -8.61
CA PHE B 229 -1.10 24.28 -9.43
C PHE B 229 -2.33 24.23 -8.54
N THR B 230 -3.36 24.98 -8.93
CA THR B 230 -4.60 25.11 -8.17
C THR B 230 -5.77 24.69 -9.06
N LEU B 231 -6.45 23.62 -8.67
CA LEU B 231 -7.64 23.14 -9.38
C LEU B 231 -8.91 23.73 -8.75
N TYR B 232 -9.99 23.74 -9.54
CA TYR B 232 -11.28 24.28 -9.11
C TYR B 232 -12.37 23.21 -9.22
N ASP B 233 -13.10 23.01 -8.12
CA ASP B 233 -14.20 22.03 -8.06
C ASP B 233 -15.49 22.59 -8.68
N CYS B 234 -16.56 21.81 -8.66
CA CYS B 234 -17.83 22.23 -9.29
C CYS B 234 -18.56 23.38 -8.57
N LEU B 235 -18.19 23.65 -7.32
CA LEU B 235 -18.63 24.87 -6.61
C LEU B 235 -17.70 26.08 -6.84
N ASP B 236 -16.71 25.94 -7.74
CA ASP B 236 -15.76 27.00 -8.06
C ASP B 236 -14.86 27.40 -6.87
N ARG B 237 -14.56 26.43 -6.01
CA ARG B 237 -13.66 26.62 -4.87
C ARG B 237 -12.23 26.22 -5.27
N ALA B 238 -11.26 27.03 -4.89
CA ALA B 238 -9.86 26.81 -5.25
C ALA B 238 -9.18 25.80 -4.32
N TRP B 239 -8.42 24.88 -4.90
CA TRP B 239 -7.66 23.86 -4.15
C TRP B 239 -6.23 23.77 -4.68
N GLN B 240 -5.29 24.36 -3.96
CA GLN B 240 -3.86 24.25 -4.30
C GLN B 240 -3.39 22.84 -3.94
N CYS B 241 -3.20 22.02 -4.96
CA CYS B 241 -2.82 20.61 -4.80
C CYS B 241 -1.42 20.34 -5.33
N GLY B 242 -1.18 20.69 -6.59
CA GLY B 242 0.09 20.39 -7.25
C GLY B 242 1.22 21.33 -6.91
N THR B 243 2.45 20.81 -6.91
CA THR B 243 3.65 21.62 -6.77
C THR B 243 4.81 21.03 -7.60
N VAL B 244 5.66 21.92 -8.12
CA VAL B 244 6.90 21.56 -8.80
C VAL B 244 7.96 22.53 -8.31
N GLN B 245 8.88 22.04 -7.47
CA GLN B 245 9.79 22.89 -6.70
C GLN B 245 11.26 22.53 -6.97
N LEU B 246 12.02 23.46 -7.53
CA LEU B 246 13.46 23.28 -7.75
C LEU B 246 14.24 23.46 -6.46
N ASP B 247 15.35 22.73 -6.34
CA ASP B 247 16.16 22.69 -5.12
C ASP B 247 17.65 22.58 -5.46
N PHE B 248 18.40 23.65 -5.16
CA PHE B 248 19.87 23.70 -5.35
C PHE B 248 20.60 23.75 -4.00
N SER B 249 20.03 23.12 -2.98
CA SER B 249 20.54 23.20 -1.60
C SER B 249 20.63 21.83 -0.93
N LEU B 250 19.48 21.17 -0.81
CA LEU B 250 19.34 19.91 -0.06
C LEU B 250 20.27 18.78 -0.53
N PRO B 251 20.48 18.61 -1.86
CA PRO B 251 21.42 17.59 -2.34
C PRO B 251 22.87 17.81 -1.89
N SER B 252 23.35 19.04 -1.97
CA SER B 252 24.70 19.41 -1.50
C SER B 252 24.84 19.19 0.01
N ARG B 253 23.86 19.68 0.76
CA ARG B 253 23.85 19.57 2.23
C ARG B 253 23.77 18.13 2.77
N LEU B 254 23.18 17.21 1.99
CA LEU B 254 23.14 15.78 2.34
C LEU B 254 24.16 14.93 1.55
N SER B 255 25.20 15.57 1.01
CA SER B 255 26.34 14.90 0.36
C SER B 255 25.96 14.00 -0.82
N ALA B 256 24.98 14.45 -1.60
CA ALA B 256 24.57 13.75 -2.82
C ALA B 256 25.46 14.19 -3.97
N SER B 257 25.90 13.23 -4.78
CA SER B 257 26.75 13.51 -5.93
C SER B 257 26.70 12.38 -6.97
N TYR B 258 27.20 12.70 -8.16
CA TYR B 258 27.30 11.73 -9.25
C TYR B 258 28.52 12.08 -10.12
N VAL B 259 29.05 11.06 -10.79
CA VAL B 259 30.19 11.23 -11.69
C VAL B 259 29.67 11.67 -13.05
N GLY B 260 30.01 12.88 -13.47
CA GLY B 260 29.60 13.42 -14.76
C GLY B 260 30.33 12.81 -15.95
N GLU B 261 30.05 13.35 -17.13
CA GLU B 261 30.66 12.88 -18.37
C GLU B 261 32.16 13.23 -18.46
N ASP B 262 32.55 14.32 -17.80
CA ASP B 262 33.96 14.72 -17.67
C ASP B 262 34.67 14.13 -16.42
N ASN B 263 34.06 13.13 -15.79
CA ASN B 263 34.58 12.49 -14.56
C ASN B 263 34.86 13.45 -13.39
N GLU B 264 34.00 14.46 -13.25
CA GLU B 264 34.03 15.37 -12.10
C GLU B 264 32.82 15.08 -11.21
N ARG B 265 32.94 15.43 -9.93
CA ARG B 265 31.85 15.25 -8.96
C ARG B 265 30.88 16.44 -9.01
N LYS B 266 29.69 16.21 -9.55
CA LYS B 266 28.64 17.21 -9.60
C LYS B 266 27.56 16.90 -8.56
N VAL B 267 27.04 17.95 -7.94
CA VAL B 267 25.87 17.85 -7.08
C VAL B 267 24.65 17.86 -8.01
N PRO B 268 23.74 16.86 -7.88
CA PRO B 268 22.57 16.85 -8.74
C PRO B 268 21.57 17.93 -8.33
N VAL B 269 20.85 18.48 -9.31
CA VAL B 269 19.72 19.34 -9.04
C VAL B 269 18.55 18.42 -8.65
N MET B 270 17.78 18.86 -7.66
CA MET B 270 16.64 18.10 -7.15
C MET B 270 15.34 18.86 -7.39
N ILE B 271 14.34 18.15 -7.92
CA ILE B 271 13.01 18.71 -8.15
C ILE B 271 12.01 18.00 -7.23
N HIS B 272 11.40 18.75 -6.32
CA HIS B 272 10.30 18.23 -5.48
C HIS B 272 9.04 18.32 -6.31
N ARG B 273 8.18 17.32 -6.25
CA ARG B 273 6.88 17.39 -6.92
C ARG B 273 5.82 16.47 -6.29
N ALA B 274 4.63 17.04 -6.13
CA ALA B 274 3.41 16.31 -5.78
C ALA B 274 2.30 16.88 -6.65
N ILE B 275 1.33 16.04 -6.99
CA ILE B 275 0.26 16.41 -7.93
C ILE B 275 -1.08 16.49 -7.21
N LEU B 276 -1.51 15.37 -6.64
CA LEU B 276 -2.70 15.35 -5.78
C LEU B 276 -2.48 16.14 -4.49
N GLY B 277 -1.24 16.17 -4.01
CA GLY B 277 -0.87 16.94 -2.82
C GLY B 277 -0.93 16.10 -1.57
N SER B 278 -2.14 15.67 -1.22
CA SER B 278 -2.37 14.77 -0.10
C SER B 278 -3.49 13.81 -0.49
N MET B 279 -3.27 12.51 -0.26
CA MET B 279 -4.23 11.47 -0.64
C MET B 279 -5.55 11.64 0.12
N GLU B 280 -5.44 11.91 1.42
CA GLU B 280 -6.60 12.12 2.29
C GLU B 280 -7.38 13.37 1.86
N ARG B 281 -6.62 14.44 1.57
CA ARG B 281 -7.17 15.74 1.17
C ARG B 281 -7.85 15.66 -0.19
N PHE B 282 -7.22 14.94 -1.13
CA PHE B 282 -7.77 14.77 -2.47
C PHE B 282 -9.05 13.94 -2.44
N ILE B 283 -9.07 12.88 -1.63
CA ILE B 283 -10.28 12.06 -1.42
C ILE B 283 -11.42 12.93 -0.89
N GLY B 284 -11.11 13.80 0.06
CA GLY B 284 -12.07 14.79 0.58
C GLY B 284 -12.64 15.67 -0.53
N ILE B 285 -11.76 16.19 -1.38
CA ILE B 285 -12.16 17.03 -2.52
C ILE B 285 -13.01 16.22 -3.51
N LEU B 286 -12.61 14.97 -3.78
CA LEU B 286 -13.37 14.08 -4.67
C LEU B 286 -14.75 13.72 -4.12
N THR B 287 -14.81 13.41 -2.81
CA THR B 287 -16.07 13.10 -2.13
C THR B 287 -17.08 14.25 -2.27
N GLU B 288 -16.61 15.49 -2.16
CA GLU B 288 -17.45 16.67 -2.32
C GLU B 288 -17.78 16.94 -3.80
N GLU B 289 -16.77 16.83 -4.67
CA GLU B 289 -16.95 17.04 -6.12
C GLU B 289 -18.07 16.16 -6.69
N PHE B 290 -18.06 14.88 -6.35
CA PHE B 290 -19.06 13.92 -6.81
C PHE B 290 -20.28 13.80 -5.88
N ALA B 291 -20.17 14.33 -4.66
CA ALA B 291 -21.23 14.27 -3.64
C ALA B 291 -21.59 12.82 -3.26
N GLY B 292 -20.56 11.98 -3.13
CA GLY B 292 -20.74 10.55 -2.85
C GLY B 292 -20.86 9.64 -4.07
N PHE B 293 -21.22 10.20 -5.22
CA PHE B 293 -21.39 9.44 -6.46
C PHE B 293 -20.04 9.24 -7.15
N PHE B 294 -19.18 8.44 -6.53
CA PHE B 294 -17.82 8.22 -7.04
C PHE B 294 -17.90 7.51 -8.40
N PRO B 295 -17.03 7.89 -9.36
CA PRO B 295 -17.02 7.12 -10.61
C PRO B 295 -16.70 5.64 -10.34
N THR B 296 -17.29 4.76 -11.15
CA THR B 296 -17.32 3.31 -10.88
C THR B 296 -15.97 2.71 -10.47
N TRP B 297 -14.88 3.18 -11.08
CA TRP B 297 -13.54 2.69 -10.73
C TRP B 297 -13.11 3.03 -9.31
N LEU B 298 -13.53 4.19 -8.80
CA LEU B 298 -13.25 4.59 -7.41
C LEU B 298 -14.27 4.07 -6.39
N ALA B 299 -15.48 3.72 -6.84
CA ALA B 299 -16.57 3.35 -5.94
C ALA B 299 -16.23 2.13 -5.06
N PRO B 300 -16.47 2.22 -3.73
CA PRO B 300 -16.22 1.09 -2.80
C PRO B 300 -16.92 -0.20 -3.19
N VAL B 301 -18.21 -0.10 -3.56
CA VAL B 301 -19.00 -1.22 -4.06
C VAL B 301 -19.52 -0.81 -5.44
N GLN B 302 -19.04 -1.51 -6.47
CA GLN B 302 -19.30 -1.13 -7.86
C GLN B 302 -20.64 -1.66 -8.38
N VAL B 303 -20.99 -2.87 -7.98
CA VAL B 303 -22.24 -3.53 -8.40
C VAL B 303 -22.88 -4.26 -7.23
N VAL B 304 -24.20 -4.20 -7.14
CA VAL B 304 -24.98 -5.09 -6.27
C VAL B 304 -25.95 -5.87 -7.14
N VAL B 305 -25.91 -7.20 -7.03
CA VAL B 305 -26.78 -8.10 -7.76
C VAL B 305 -27.87 -8.56 -6.80
N MET B 306 -29.12 -8.50 -7.23
CA MET B 306 -30.26 -8.80 -6.35
C MET B 306 -31.38 -9.57 -7.06
N ASN B 307 -32.08 -10.38 -6.27
CA ASN B 307 -33.18 -11.22 -6.73
C ASN B 307 -34.55 -10.62 -6.38
N ILE B 308 -35.59 -11.18 -6.98
CA ILE B 308 -36.97 -10.85 -6.64
C ILE B 308 -37.43 -11.80 -5.53
N THR B 309 -37.26 -13.10 -5.76
CA THR B 309 -37.59 -14.15 -4.79
C THR B 309 -36.46 -15.17 -4.67
N ASP B 310 -36.65 -16.17 -3.80
CA ASP B 310 -35.70 -17.28 -3.61
C ASP B 310 -35.39 -18.08 -4.88
N SER B 311 -36.34 -18.10 -5.82
CA SER B 311 -36.18 -18.76 -7.14
C SER B 311 -34.92 -18.36 -7.91
N GLN B 312 -34.55 -17.08 -7.85
CA GLN B 312 -33.41 -16.55 -8.60
C GLN B 312 -32.07 -16.50 -7.83
N SER B 313 -32.06 -17.00 -6.59
CA SER B 313 -30.88 -16.90 -5.71
C SER B 313 -29.63 -17.58 -6.27
N GLU B 314 -29.80 -18.75 -6.87
CA GLU B 314 -28.69 -19.49 -7.49
C GLU B 314 -28.12 -18.75 -8.70
N TYR B 315 -29.01 -18.16 -9.50
CA TYR B 315 -28.60 -17.36 -10.68
C TYR B 315 -27.83 -16.10 -10.29
N VAL B 316 -28.29 -15.43 -9.22
CA VAL B 316 -27.61 -14.24 -8.69
C VAL B 316 -26.21 -14.58 -8.15
N ASN B 317 -26.10 -15.69 -7.42
CA ASN B 317 -24.80 -16.18 -6.91
C ASN B 317 -23.80 -16.49 -8.03
N GLU B 318 -24.28 -17.15 -9.09
CA GLU B 318 -23.48 -17.44 -10.29
C GLU B 318 -23.04 -16.15 -11.00
N LEU B 319 -23.96 -15.19 -11.12
CA LEU B 319 -23.66 -13.90 -11.74
C LEU B 319 -22.70 -13.06 -10.89
N THR B 320 -22.82 -13.16 -9.56
CA THR B 320 -21.91 -12.49 -8.63
C THR B 320 -20.46 -12.99 -8.80
N GLN B 321 -20.30 -14.30 -8.95
CA GLN B 321 -18.97 -14.91 -9.15
C GLN B 321 -18.36 -14.48 -10.50
N LYS B 322 -19.18 -14.44 -11.54
CA LYS B 322 -18.74 -13.95 -12.87
C LYS B 322 -18.20 -12.51 -12.82
N LEU B 323 -18.88 -11.65 -12.07
CA LEU B 323 -18.45 -10.26 -11.89
C LEU B 323 -17.17 -10.17 -11.05
N GLN B 324 -17.09 -10.98 -10.00
CA GLN B 324 -15.87 -11.09 -9.18
C GLN B 324 -14.68 -11.63 -9.96
N ASN B 325 -14.92 -12.63 -10.83
CA ASN B 325 -13.90 -13.15 -11.75
C ASN B 325 -13.39 -12.10 -12.74
N ALA B 326 -14.27 -11.18 -13.14
CA ALA B 326 -13.91 -10.06 -14.02
C ALA B 326 -13.31 -8.84 -13.28
N GLY B 327 -12.93 -9.00 -12.02
CA GLY B 327 -12.27 -7.93 -11.25
C GLY B 327 -13.18 -6.81 -10.79
N ILE B 328 -14.47 -7.10 -10.62
CA ILE B 328 -15.46 -6.11 -10.20
C ILE B 328 -15.79 -6.33 -8.71
N ARG B 329 -15.79 -5.25 -7.93
CA ARG B 329 -16.20 -5.31 -6.53
C ARG B 329 -17.72 -5.43 -6.48
N VAL B 330 -18.21 -6.60 -6.08
CA VAL B 330 -19.62 -6.96 -6.17
C VAL B 330 -20.11 -7.65 -4.90
N LYS B 331 -21.36 -7.38 -4.52
CA LYS B 331 -22.03 -8.07 -3.41
C LYS B 331 -23.36 -8.61 -3.90
N ALA B 332 -23.84 -9.66 -3.23
CA ALA B 332 -25.14 -10.26 -3.52
C ALA B 332 -26.15 -9.81 -2.46
N ASP B 333 -27.33 -9.37 -2.90
CA ASP B 333 -28.42 -8.98 -2.01
C ASP B 333 -29.59 -9.94 -2.20
N LEU B 334 -29.61 -11.00 -1.39
CA LEU B 334 -30.63 -12.05 -1.45
C LEU B 334 -31.64 -11.97 -0.30
N ARG B 335 -31.82 -10.78 0.29
CA ARG B 335 -32.71 -10.60 1.44
C ARG B 335 -34.18 -10.69 1.04
N ASN B 336 -35.03 -10.84 2.04
CA ASN B 336 -36.49 -10.94 1.84
C ASN B 336 -37.13 -9.56 1.98
N GLU B 337 -36.71 -8.65 1.10
CA GLU B 337 -37.20 -7.28 1.04
C GLU B 337 -37.72 -7.00 -0.36
N LYS B 338 -38.54 -5.97 -0.48
CA LYS B 338 -39.08 -5.56 -1.79
C LYS B 338 -37.99 -4.96 -2.67
N ILE B 339 -38.16 -5.09 -3.99
CA ILE B 339 -37.18 -4.59 -4.95
C ILE B 339 -36.97 -3.07 -4.86
N GLY B 340 -38.04 -2.34 -4.56
CA GLY B 340 -37.96 -0.90 -4.32
C GLY B 340 -37.19 -0.52 -3.07
N PHE B 341 -37.29 -1.34 -2.04
CA PHE B 341 -36.50 -1.19 -0.81
C PHE B 341 -35.01 -1.43 -1.08
N LYS B 342 -34.70 -2.49 -1.83
CA LYS B 342 -33.31 -2.87 -2.14
C LYS B 342 -32.62 -1.80 -2.98
N ILE B 343 -33.26 -1.43 -4.09
CA ILE B 343 -32.75 -0.41 -5.01
C ILE B 343 -32.50 0.93 -4.30
N ARG B 344 -33.38 1.30 -3.37
CA ARG B 344 -33.23 2.55 -2.62
C ARG B 344 -32.01 2.54 -1.69
N GLU B 345 -31.81 1.44 -0.98
CA GLU B 345 -30.67 1.29 -0.06
C GLU B 345 -29.32 1.45 -0.78
N HIS B 346 -29.22 0.85 -1.97
CA HIS B 346 -27.99 0.89 -2.77
C HIS B 346 -27.87 2.17 -3.61
N THR B 347 -29.02 2.78 -3.95
CA THR B 347 -29.03 4.13 -4.53
C THR B 347 -28.57 5.16 -3.49
N LEU B 348 -28.96 4.99 -2.22
CA LEU B 348 -28.47 5.84 -1.12
C LEU B 348 -26.99 5.60 -0.83
N ARG B 349 -26.56 4.35 -0.92
CA ARG B 349 -25.14 3.98 -0.77
C ARG B 349 -24.24 4.37 -1.97
N ARG B 350 -24.86 4.83 -3.07
CA ARG B 350 -24.16 5.31 -4.27
C ARG B 350 -23.43 4.18 -5.01
N VAL B 351 -24.09 3.02 -5.08
CA VAL B 351 -23.58 1.87 -5.84
C VAL B 351 -23.88 2.15 -7.32
N PRO B 352 -22.84 2.31 -8.16
CA PRO B 352 -23.02 2.67 -9.57
C PRO B 352 -24.13 1.90 -10.30
N TYR B 353 -24.12 0.57 -10.17
CA TYR B 353 -25.05 -0.30 -10.89
C TYR B 353 -25.77 -1.28 -9.98
N MET B 354 -27.05 -1.50 -10.27
CA MET B 354 -27.89 -2.41 -9.52
C MET B 354 -28.48 -3.42 -10.50
N LEU B 355 -28.02 -4.67 -10.39
CA LEU B 355 -28.36 -5.74 -11.33
C LEU B 355 -29.50 -6.60 -10.78
N VAL B 356 -30.71 -6.34 -11.27
CA VAL B 356 -31.92 -7.03 -10.83
C VAL B 356 -32.11 -8.30 -11.67
N CYS B 357 -32.46 -9.40 -11.00
CA CYS B 357 -32.64 -10.71 -11.64
C CYS B 357 -33.97 -11.35 -11.23
N GLY B 358 -34.95 -11.32 -12.13
CA GLY B 358 -36.23 -12.04 -11.97
C GLY B 358 -36.29 -13.25 -12.89
N ASP B 359 -37.42 -13.96 -12.88
CA ASP B 359 -37.62 -15.15 -13.74
C ASP B 359 -37.46 -14.86 -15.24
N LYS B 360 -37.83 -13.65 -15.65
CA LYS B 360 -37.58 -13.14 -17.00
C LYS B 360 -36.09 -13.18 -17.35
N GLU B 361 -35.26 -12.78 -16.39
CA GLU B 361 -33.80 -12.68 -16.56
C GLU B 361 -33.05 -14.02 -16.44
N VAL B 362 -33.53 -14.91 -15.57
CA VAL B 362 -32.88 -16.22 -15.37
C VAL B 362 -33.04 -17.12 -16.60
N GLU B 363 -34.27 -17.21 -17.11
CA GLU B 363 -34.57 -18.02 -18.30
C GLU B 363 -33.93 -17.48 -19.60
N ALA B 364 -33.76 -16.16 -19.67
CA ALA B 364 -33.22 -15.50 -20.87
C ALA B 364 -31.68 -15.43 -20.92
N GLY B 365 -31.02 -15.59 -19.79
CA GLY B 365 -29.58 -15.34 -19.69
C GLY B 365 -29.26 -13.86 -19.79
N LYS B 366 -30.06 -13.06 -19.08
CA LYS B 366 -29.97 -11.60 -19.11
C LYS B 366 -29.95 -11.03 -17.69
N VAL B 367 -29.85 -9.71 -17.58
CA VAL B 367 -29.94 -9.02 -16.30
C VAL B 367 -30.51 -7.60 -16.48
N ALA B 368 -31.41 -7.20 -15.58
CA ALA B 368 -32.04 -5.88 -15.64
C ALA B 368 -31.16 -4.87 -14.89
N VAL B 369 -30.46 -4.04 -15.66
CA VAL B 369 -29.48 -3.09 -15.11
C VAL B 369 -30.16 -1.76 -14.81
N ARG B 370 -29.82 -1.19 -13.65
CA ARG B 370 -30.33 0.11 -13.22
C ARG B 370 -29.24 0.88 -12.50
N THR B 371 -29.06 2.16 -12.87
CA THR B 371 -28.05 3.02 -12.25
C THR B 371 -28.59 3.70 -11.00
N ARG B 372 -27.67 4.15 -10.14
CA ARG B 372 -28.00 4.98 -8.97
C ARG B 372 -28.61 6.35 -9.33
N ARG B 373 -28.34 6.84 -10.53
CA ARG B 373 -28.98 8.07 -11.03
C ARG B 373 -30.46 7.90 -11.40
N GLY B 374 -30.96 6.66 -11.45
CA GLY B 374 -32.36 6.37 -11.75
C GLY B 374 -32.65 6.04 -13.20
N LYS B 375 -31.60 5.73 -13.97
CA LYS B 375 -31.74 5.37 -15.39
C LYS B 375 -31.92 3.86 -15.51
N ASP B 376 -33.11 3.44 -15.95
CA ASP B 376 -33.41 2.04 -16.22
C ASP B 376 -32.88 1.68 -17.60
N LEU B 377 -31.83 0.85 -17.64
CA LEU B 377 -31.23 0.38 -18.90
C LEU B 377 -31.90 -0.90 -19.46
N GLY B 378 -32.82 -1.49 -18.70
CA GLY B 378 -33.59 -2.65 -19.17
C GLY B 378 -32.82 -3.95 -19.11
N SER B 379 -33.45 -5.00 -19.61
CA SER B 379 -32.87 -6.34 -19.62
C SER B 379 -31.80 -6.45 -20.72
N LEU B 380 -30.55 -6.65 -20.31
CA LEU B 380 -29.41 -6.74 -21.23
C LEU B 380 -28.72 -8.10 -21.08
N ASP B 381 -27.97 -8.48 -22.11
CA ASP B 381 -27.20 -9.74 -22.09
C ASP B 381 -26.09 -9.66 -21.03
N VAL B 382 -25.94 -10.74 -20.27
CA VAL B 382 -25.01 -10.79 -19.14
C VAL B 382 -23.55 -10.53 -19.55
N ASN B 383 -23.12 -11.19 -20.62
CA ASN B 383 -21.75 -10.99 -21.14
C ASN B 383 -21.52 -9.58 -21.68
N ASP B 384 -22.54 -8.97 -22.27
CA ASP B 384 -22.47 -7.57 -22.73
C ASP B 384 -22.34 -6.59 -21.57
N VAL B 385 -23.05 -6.85 -20.47
CA VAL B 385 -22.99 -6.00 -19.28
C VAL B 385 -21.61 -6.06 -18.61
N ILE B 386 -21.10 -7.26 -18.38
CA ILE B 386 -19.77 -7.47 -17.78
C ILE B 386 -18.68 -6.78 -18.61
N GLU B 387 -18.81 -6.87 -19.94
CA GLU B 387 -17.85 -6.26 -20.87
C GLU B 387 -17.83 -4.73 -20.76
N LYS B 388 -19.02 -4.12 -20.71
CA LYS B 388 -19.15 -2.66 -20.60
C LYS B 388 -18.75 -2.11 -19.23
N LEU B 389 -19.01 -2.87 -18.17
CA LEU B 389 -18.53 -2.52 -16.81
C LEU B 389 -17.00 -2.58 -16.73
N GLN B 390 -16.41 -3.62 -17.30
CA GLN B 390 -14.95 -3.75 -17.36
C GLN B 390 -14.29 -2.57 -18.07
N GLN B 391 -14.86 -2.17 -19.21
CA GLN B 391 -14.34 -1.03 -19.97
C GLN B 391 -14.44 0.28 -19.18
N GLU B 392 -15.59 0.49 -18.52
CA GLU B 392 -15.80 1.69 -17.71
C GLU B 392 -14.82 1.78 -16.52
N ILE B 393 -14.59 0.64 -15.86
CA ILE B 393 -13.67 0.57 -14.72
C ILE B 393 -12.22 0.75 -15.15
N ARG B 394 -11.80 0.00 -16.17
CA ARG B 394 -10.39 0.01 -16.64
C ARG B 394 -10.00 1.27 -17.41
N SER B 395 -10.95 1.90 -18.09
CA SER B 395 -10.72 3.22 -18.72
C SER B 395 -10.84 4.39 -17.74
N ARG B 396 -11.38 4.12 -16.54
CA ARG B 396 -11.58 5.11 -15.48
C ARG B 396 -12.47 6.26 -15.96
N SER B 397 -13.60 5.90 -16.56
CA SER B 397 -14.55 6.86 -17.10
C SER B 397 -15.33 7.57 -16.00
N LEU B 398 -15.53 8.87 -16.16
CA LEU B 398 -16.36 9.66 -15.24
C LEU B 398 -17.85 9.32 -15.34
N GLN B 399 -18.29 8.90 -16.53
CA GLN B 399 -19.71 8.74 -16.84
C GLN B 399 -20.14 7.26 -16.87
N GLN B 400 -21.37 7.02 -16.43
CA GLN B 400 -22.00 5.70 -16.49
C GLN B 400 -22.63 5.48 -17.88
N LEU B 401 -23.26 4.32 -18.08
CA LEU B 401 -23.93 3.99 -19.34
C LEU B 401 -25.19 4.84 -19.55
#